data_7FSW
#
_entry.id   7FSW
#
_cell.length_a   80.415
_cell.length_b   49.681
_cell.length_c   116.275
_cell.angle_alpha   90.000
_cell.angle_beta   94.930
_cell.angle_gamma   90.000
#
_symmetry.space_group_name_H-M   'P 1 21 1'
#
loop_
_entity.id
_entity.type
_entity.pdbx_description
1 polymer Syntenin-1
2 non-polymer N-(1-methyl-1H-pyrazol-3-yl)-2-(1H-pyrazol-1-yl)acetamide
3 non-polymer 1,2-ETHANEDIOL
4 non-polymer 'D-GLUTAMIC ACID'
5 non-polymer GLYCINE
6 non-polymer 'SULFATE ION'
7 non-polymer ALANINE
8 water water
#
_entity_poly.entity_id   1
_entity_poly.type   'polypeptide(L)'
_entity_poly.pdbx_seq_one_letter_code
;SMAEIKQGIREVILCKDQDGKIGLRLKSIDNGIFVQLVQANSPASLVGLRFGDQVLQINGENCAGWSSDKAHKVLKQAFG
EKITMTIRDRPFERTITMHKDSTGHVGFIFKNGKITSIVKDSSAARNGLLTEHNICEINGQNVIGLKDSQIADILSTSGT
VVTITIMPAFIFEHIIKRMAPSIMKSLMDHTIPEV
;
_entity_poly.pdbx_strand_id   A,B,C,D
#
loop_
_chem_comp.id
_chem_comp.type
_chem_comp.name
_chem_comp.formula
EDO non-polymer 1,2-ETHANEDIOL 'C2 H6 O2'
SO4 non-polymer 'SULFATE ION' 'O4 S -2'
YDX non-polymer N-(1-methyl-1H-pyrazol-3-yl)-2-(1H-pyrazol-1-yl)acetamide 'C9 H11 N5 O'
#
# COMPACT_ATOMS: atom_id res chain seq x y z
N ILE A 5 7.65 25.44 10.27
CA ILE A 5 7.54 24.70 8.98
C ILE A 5 8.11 25.60 7.88
N LYS A 6 9.26 25.20 7.30
CA LYS A 6 10.10 26.06 6.47
C LYS A 6 9.72 25.90 4.99
N GLN A 7 10.36 26.70 4.12
CA GLN A 7 10.13 26.72 2.68
C GLN A 7 10.52 25.36 2.07
N GLY A 8 9.68 24.87 1.16
CA GLY A 8 9.74 23.54 0.57
C GLY A 8 10.96 22.69 1.00
N ILE A 9 11.91 22.58 0.05
CA ILE A 9 12.86 21.49 -0.04
C ILE A 9 14.25 21.98 0.38
N ARG A 10 15.00 21.11 1.07
CA ARG A 10 16.38 21.37 1.44
C ARG A 10 17.12 20.04 1.34
N GLU A 11 18.45 20.11 1.11
CA GLU A 11 19.28 18.93 1.00
C GLU A 11 20.06 18.74 2.30
N VAL A 12 20.35 17.49 2.68
CA VAL A 12 21.18 17.23 3.85
C VAL A 12 22.22 16.16 3.51
N ILE A 13 23.39 16.27 4.12
CA ILE A 13 24.45 15.30 3.88
C ILE A 13 24.67 14.55 5.19
N LEU A 14 24.39 13.25 5.18
CA LEU A 14 24.51 12.44 6.38
C LEU A 14 25.81 11.67 6.29
N CYS A 15 26.08 10.88 7.32
CA CYS A 15 27.33 10.18 7.46
C CYS A 15 27.20 9.17 8.59
N LYS A 16 27.10 7.88 8.25
CA LYS A 16 26.93 6.82 9.24
C LYS A 16 27.92 7.02 10.37
N ASP A 17 27.55 6.59 11.58
CA ASP A 17 28.42 6.72 12.75
C ASP A 17 29.38 5.52 12.74
N GLN A 18 30.13 5.36 13.83
CA GLN A 18 31.10 4.27 13.94
C GLN A 18 30.41 2.90 13.91
N ASP A 19 29.11 2.85 14.25
CA ASP A 19 28.38 1.60 14.30
C ASP A 19 27.59 1.36 13.01
N GLY A 20 27.70 2.26 12.03
CA GLY A 20 26.95 2.13 10.80
C GLY A 20 25.50 2.57 10.95
N LYS A 21 25.24 3.53 11.84
CA LYS A 21 23.89 4.00 12.11
C LYS A 21 23.75 5.44 11.67
N ILE A 22 22.50 5.85 11.38
CA ILE A 22 22.21 7.25 11.14
C ILE A 22 21.19 7.76 12.14
N GLY A 23 20.48 6.85 12.81
CA GLY A 23 19.58 7.23 13.89
C GLY A 23 18.14 7.50 13.42
N LEU A 24 17.69 6.73 12.43
CA LEU A 24 16.48 7.08 11.71
C LEU A 24 15.60 5.85 11.47
N ARG A 25 14.29 5.97 11.77
CA ARG A 25 13.30 5.07 11.19
C ARG A 25 12.37 5.88 10.29
N LEU A 26 11.96 5.26 9.17
CA LEU A 26 11.13 5.85 8.12
C LEU A 26 9.80 5.12 8.02
N LYS A 27 8.76 5.82 7.52
CA LYS A 27 7.43 5.25 7.36
C LYS A 27 6.81 5.64 6.01
N SER A 28 6.29 4.64 5.29
CA SER A 28 5.55 4.86 4.05
C SER A 28 4.17 5.40 4.38
N ILE A 29 3.84 6.59 3.83
CA ILE A 29 2.53 7.20 4.01
C ILE A 29 2.10 7.82 2.67
N ASP A 30 0.94 7.41 2.14
CA ASP A 30 0.37 8.00 0.93
C ASP A 30 1.43 8.07 -0.16
N ASN A 31 2.23 7.01 -0.30
CA ASN A 31 3.15 6.82 -1.40
C ASN A 31 4.34 7.78 -1.31
N GLY A 32 4.48 8.45 -0.15
CA GLY A 32 5.73 9.07 0.22
C GLY A 32 6.41 8.32 1.35
N ILE A 33 7.55 8.86 1.78
CA ILE A 33 8.28 8.33 2.93
C ILE A 33 8.49 9.45 3.94
N PHE A 34 8.13 9.16 5.19
CA PHE A 34 8.16 10.17 6.24
C PHE A 34 9.01 9.69 7.42
N VAL A 35 9.63 10.64 8.14
CA VAL A 35 10.44 10.31 9.31
C VAL A 35 9.54 9.93 10.49
N GLN A 36 9.78 8.75 11.06
CA GLN A 36 8.97 8.24 12.16
C GLN A 36 9.72 8.37 13.51
N LEU A 37 11.05 8.18 13.52
CA LEU A 37 11.84 8.39 14.72
C LEU A 37 13.22 8.97 14.37
N VAL A 38 13.67 9.96 15.13
CA VAL A 38 15.02 10.48 15.02
C VAL A 38 15.68 10.32 16.37
N GLN A 39 16.80 9.58 16.38
CA GLN A 39 17.48 9.18 17.61
C GLN A 39 18.32 10.33 18.12
N ALA A 40 18.42 10.44 19.45
CA ALA A 40 19.25 11.48 20.05
C ALA A 40 20.70 11.12 19.77
N ASN A 41 21.54 12.13 19.55
CA ASN A 41 22.97 11.97 19.33
C ASN A 41 23.24 11.05 18.15
N SER A 42 22.55 11.32 17.03
CA SER A 42 22.73 10.57 15.80
C SER A 42 23.11 11.50 14.67
N PRO A 43 23.57 10.95 13.53
CA PRO A 43 23.75 11.76 12.33
C PRO A 43 22.46 12.45 11.93
N ALA A 44 21.33 11.75 12.02
CA ALA A 44 20.06 12.33 11.58
C ALA A 44 19.68 13.53 12.45
N SER A 45 19.89 13.42 13.77
CA SER A 45 19.64 14.52 14.67
C SER A 45 20.60 15.68 14.41
N LEU A 46 21.87 15.37 14.11
CA LEU A 46 22.88 16.42 13.99
C LEU A 46 22.62 17.28 12.75
N VAL A 47 22.04 16.67 11.70
CA VAL A 47 21.78 17.40 10.47
C VAL A 47 20.40 18.04 10.55
N GLY A 48 19.59 17.65 11.55
CA GLY A 48 18.35 18.36 11.85
C GLY A 48 17.12 17.79 11.16
N LEU A 49 17.12 16.49 10.86
CA LEU A 49 15.89 15.80 10.49
C LEU A 49 14.95 15.84 11.69
N ARG A 50 13.66 15.99 11.40
CA ARG A 50 12.61 16.07 12.41
C ARG A 50 11.58 14.96 12.13
N PHE A 51 10.89 14.50 13.19
CA PHE A 51 9.67 13.73 13.06
C PHE A 51 8.72 14.42 12.07
N GLY A 52 8.11 13.62 11.19
CA GLY A 52 7.13 14.14 10.25
C GLY A 52 7.73 14.66 8.94
N ASP A 53 9.06 14.74 8.84
CA ASP A 53 9.69 15.26 7.64
C ASP A 53 9.49 14.23 6.52
N GLN A 54 9.27 14.71 5.28
CA GLN A 54 9.24 13.88 4.11
C GLN A 54 10.61 13.74 3.44
N VAL A 55 10.98 12.49 3.10
CA VAL A 55 12.21 12.19 2.37
C VAL A 55 11.85 11.97 0.89
N LEU A 56 12.21 12.95 0.05
CA LEU A 56 11.86 12.92 -1.37
C LEU A 56 12.86 12.07 -2.16
N GLN A 57 14.15 12.36 -1.97
CA GLN A 57 15.22 11.58 -2.58
C GLN A 57 16.20 11.11 -1.52
N ILE A 58 16.75 9.91 -1.76
CA ILE A 58 17.95 9.41 -1.11
C ILE A 58 18.97 9.18 -2.22
N ASN A 59 20.22 9.54 -1.97
CA ASN A 59 21.29 9.40 -2.94
C ASN A 59 20.75 9.61 -4.36
N GLY A 60 19.95 10.68 -4.53
CA GLY A 60 19.51 11.11 -5.84
C GLY A 60 18.36 10.27 -6.39
N GLU A 61 17.95 9.22 -5.70
CA GLU A 61 16.92 8.32 -6.18
C GLU A 61 15.61 8.67 -5.48
N ASN A 62 14.52 8.72 -6.24
CA ASN A 62 13.22 9.15 -5.75
C ASN A 62 12.61 8.07 -4.84
N CYS A 63 11.93 8.51 -3.76
CA CYS A 63 11.43 7.58 -2.76
C CYS A 63 9.97 7.22 -3.01
N ALA A 64 9.33 7.86 -3.98
CA ALA A 64 7.91 7.66 -4.21
C ALA A 64 7.57 6.17 -4.34
N GLY A 65 6.51 5.77 -3.64
CA GLY A 65 5.97 4.41 -3.74
C GLY A 65 6.69 3.34 -2.91
N TRP A 66 7.84 3.66 -2.29
CA TRP A 66 8.61 2.67 -1.53
C TRP A 66 7.85 2.16 -0.31
N SER A 67 8.19 0.94 0.12
CA SER A 67 7.75 0.42 1.40
C SER A 67 8.74 0.90 2.46
N SER A 68 8.28 1.06 3.71
CA SER A 68 9.20 1.26 4.82
C SER A 68 10.40 0.32 4.68
N ASP A 69 10.14 -0.98 4.47
CA ASP A 69 11.19 -1.98 4.41
C ASP A 69 12.25 -1.56 3.39
N LYS A 70 11.80 -1.21 2.17
CA LYS A 70 12.74 -0.84 1.12
C LYS A 70 13.58 0.37 1.54
N ALA A 71 12.94 1.35 2.20
CA ALA A 71 13.66 2.53 2.65
C ALA A 71 14.72 2.19 3.68
N HIS A 72 14.42 1.25 4.61
CA HIS A 72 15.37 0.74 5.59
C HIS A 72 16.45 -0.10 4.91
N LYS A 73 16.08 -0.85 3.87
CA LYS A 73 17.06 -1.59 3.10
C LYS A 73 17.99 -0.61 2.40
N VAL A 74 17.41 0.39 1.73
CA VAL A 74 18.22 1.33 0.95
C VAL A 74 19.25 1.98 1.86
N LEU A 75 18.87 2.30 3.10
CA LEU A 75 19.78 2.98 4.01
C LEU A 75 20.93 2.07 4.42
N LYS A 76 20.67 0.77 4.54
CA LYS A 76 21.71 -0.21 4.84
C LYS A 76 22.71 -0.24 3.69
N GLN A 77 22.22 -0.60 2.49
CA GLN A 77 23.05 -0.64 1.29
C GLN A 77 23.43 0.77 0.87
N ALA A 78 24.47 1.35 1.49
CA ALA A 78 24.88 2.71 1.20
C ALA A 78 26.20 3.05 1.89
N PHE A 79 27.24 3.32 1.09
CA PHE A 79 28.53 3.78 1.58
C PHE A 79 28.35 4.91 2.59
N GLY A 80 28.79 4.66 3.83
CA GLY A 80 28.57 5.57 4.94
C GLY A 80 29.21 6.94 4.75
N GLU A 81 30.18 7.04 3.81
CA GLU A 81 30.96 8.24 3.56
C GLU A 81 30.03 9.46 3.43
N LYS A 82 29.03 9.35 2.56
CA LYS A 82 28.16 10.49 2.27
C LYS A 82 26.83 9.97 1.75
N ILE A 83 25.77 10.19 2.54
CA ILE A 83 24.39 9.95 2.13
C ILE A 83 23.71 11.31 1.99
N THR A 84 23.07 11.54 0.83
CA THR A 84 22.38 12.80 0.58
C THR A 84 20.88 12.51 0.58
N MET A 85 20.11 13.42 1.20
CA MET A 85 18.66 13.27 1.19
C MET A 85 18.03 14.58 0.72
N THR A 86 16.86 14.46 0.09
CA THR A 86 16.08 15.64 -0.23
C THR A 86 14.81 15.64 0.63
N ILE A 87 14.66 16.70 1.42
CA ILE A 87 13.74 16.74 2.57
C ILE A 87 12.72 17.83 2.32
N ARG A 88 11.42 17.51 2.48
CA ARG A 88 10.37 18.51 2.59
C ARG A 88 9.98 18.61 4.06
N ASP A 89 9.95 19.83 4.58
CA ASP A 89 9.84 20.06 6.01
C ASP A 89 8.42 19.81 6.52
N ARG A 90 8.32 18.89 7.49
CA ARG A 90 7.10 18.50 8.20
C ARG A 90 5.84 18.93 7.45
N PRO A 91 5.51 18.28 6.32
CA PRO A 91 4.39 18.66 5.47
C PRO A 91 3.01 18.50 6.08
N PHE A 92 2.87 17.49 6.96
CA PHE A 92 1.62 17.21 7.65
C PHE A 92 1.45 18.12 8.87
N GLU A 93 2.38 19.02 9.17
CA GLU A 93 2.25 19.76 10.42
C GLU A 93 2.09 21.26 10.19
N ARG A 94 1.54 21.92 11.21
CA ARG A 94 1.50 23.38 11.28
C ARG A 94 1.96 23.86 12.66
N THR A 95 2.40 25.13 12.72
CA THR A 95 2.83 25.72 13.98
C THR A 95 1.92 26.88 14.37
N ILE A 96 1.54 26.91 15.65
CA ILE A 96 0.69 27.95 16.20
C ILE A 96 1.46 28.65 17.31
N THR A 97 1.38 29.98 17.33
CA THR A 97 2.04 30.74 18.38
C THR A 97 0.97 31.26 19.32
N MET A 98 1.20 31.10 20.63
CA MET A 98 0.25 31.57 21.62
C MET A 98 0.94 32.40 22.71
N HIS A 99 0.13 33.09 23.53
CA HIS A 99 0.60 33.85 24.68
C HIS A 99 -0.14 33.39 25.94
N LYS A 100 0.58 33.29 27.07
CA LYS A 100 -0.05 32.89 28.32
C LYS A 100 -0.78 34.08 28.93
N ASP A 101 -1.87 33.78 29.65
CA ASP A 101 -2.54 34.76 30.50
C ASP A 101 -1.83 34.85 31.85
N SER A 102 -2.25 35.81 32.68
CA SER A 102 -1.63 36.09 33.96
C SER A 102 -1.48 34.82 34.80
N THR A 103 -2.47 33.92 34.72
CA THR A 103 -2.48 32.68 35.49
C THR A 103 -1.71 31.56 34.76
N GLY A 104 -0.87 31.93 33.78
CA GLY A 104 0.05 31.02 33.12
C GLY A 104 -0.62 29.93 32.29
N HIS A 105 -1.60 30.31 31.44
CA HIS A 105 -2.34 29.36 30.61
C HIS A 105 -2.31 29.77 29.13
N VAL A 106 -2.43 28.78 28.23
CA VAL A 106 -2.63 29.03 26.80
C VAL A 106 -4.09 28.80 26.43
N GLY A 107 -4.72 27.82 27.06
CA GLY A 107 -6.16 27.69 27.01
C GLY A 107 -6.60 26.43 26.26
N PHE A 108 -6.09 25.27 26.69
CA PHE A 108 -6.56 24.00 26.18
C PHE A 108 -6.29 22.89 27.19
N ILE A 109 -7.02 21.80 26.96
CA ILE A 109 -6.85 20.52 27.57
C ILE A 109 -6.33 19.56 26.50
N PHE A 110 -5.43 18.66 26.92
CA PHE A 110 -5.00 17.54 26.10
C PHE A 110 -4.95 16.25 26.93
N LYS A 111 -4.78 15.12 26.23
CA LYS A 111 -4.76 13.82 26.86
C LYS A 111 -4.09 12.83 25.91
N ASN A 112 -3.07 12.12 26.39
CA ASN A 112 -2.29 11.20 25.60
C ASN A 112 -1.67 11.96 24.43
N GLY A 113 -1.30 13.22 24.68
CA GLY A 113 -0.68 14.05 23.67
C GLY A 113 -1.68 14.80 22.77
N LYS A 114 -2.94 14.35 22.75
CA LYS A 114 -3.94 14.85 21.83
C LYS A 114 -4.79 15.94 22.47
N ILE A 115 -4.90 17.08 21.78
CA ILE A 115 -5.71 18.20 22.27
C ILE A 115 -7.19 17.83 22.15
N THR A 116 -7.94 18.02 23.24
CA THR A 116 -9.29 17.51 23.35
C THR A 116 -10.31 18.62 23.56
N SER A 117 -9.88 19.80 24.03
CA SER A 117 -10.80 20.91 24.16
C SER A 117 -10.04 22.23 24.16
N ILE A 118 -10.70 23.30 23.65
CA ILE A 118 -10.21 24.67 23.68
C ILE A 118 -11.07 25.47 24.69
N VAL A 119 -10.42 26.39 25.41
CA VAL A 119 -11.04 27.12 26.50
C VAL A 119 -11.45 28.51 26.01
N LYS A 120 -12.70 28.90 26.31
CA LYS A 120 -13.31 30.09 25.73
C LYS A 120 -12.49 31.31 26.15
N ASP A 121 -12.25 32.20 25.19
CA ASP A 121 -11.54 33.46 25.41
C ASP A 121 -10.06 33.25 25.74
N SER A 122 -9.50 32.08 25.40
CA SER A 122 -8.08 31.86 25.60
C SER A 122 -7.29 32.35 24.39
N SER A 123 -5.95 32.31 24.50
CA SER A 123 -5.05 32.58 23.39
C SER A 123 -5.23 31.52 22.30
N ALA A 124 -5.28 30.27 22.76
CA ALA A 124 -5.62 29.08 21.97
C ALA A 124 -6.91 29.23 21.15
N ALA A 125 -7.91 29.90 21.71
CA ALA A 125 -9.17 30.13 21.03
C ALA A 125 -8.99 31.23 19.98
N ARG A 126 -8.26 32.29 20.35
CA ARG A 126 -8.04 33.42 19.46
C ARG A 126 -7.15 33.04 18.28
N ASN A 127 -6.35 31.97 18.46
CA ASN A 127 -5.32 31.61 17.50
C ASN A 127 -5.77 30.41 16.65
N GLY A 128 -6.85 29.74 17.06
CA GLY A 128 -7.51 28.79 16.21
C GLY A 128 -6.84 27.44 16.31
N LEU A 129 -6.58 27.06 17.56
CA LEU A 129 -6.05 25.74 17.85
C LEU A 129 -7.17 24.75 17.65
N LEU A 130 -6.85 23.56 17.18
CA LEU A 130 -7.84 22.57 16.85
C LEU A 130 -7.66 21.40 17.80
N THR A 131 -8.77 20.70 18.05
CA THR A 131 -8.80 19.50 18.85
C THR A 131 -8.59 18.32 17.91
N GLU A 132 -8.46 17.13 18.46
CA GLU A 132 -8.17 15.98 17.63
C GLU A 132 -6.85 16.16 16.89
N HIS A 133 -5.89 16.88 17.49
CA HIS A 133 -4.55 17.04 16.92
C HIS A 133 -3.49 16.66 17.94
N ASN A 134 -2.60 15.74 17.58
CA ASN A 134 -1.50 15.35 18.46
C ASN A 134 -0.44 16.44 18.51
N ILE A 135 0.06 16.78 19.72
CA ILE A 135 1.16 17.73 19.89
C ILE A 135 2.48 17.03 19.54
N CYS A 136 3.31 17.64 18.69
CA CYS A 136 4.54 17.06 18.18
C CYS A 136 5.76 17.77 18.75
N GLU A 137 5.69 19.11 18.81
CA GLU A 137 6.82 19.90 19.26
C GLU A 137 6.33 21.08 20.09
N ILE A 138 7.11 21.49 21.09
CA ILE A 138 6.89 22.76 21.78
C ILE A 138 8.19 23.57 21.76
N ASN A 139 8.10 24.82 21.31
CA ASN A 139 9.26 25.69 21.20
C ASN A 139 10.43 24.91 20.60
N GLY A 140 10.19 24.32 19.43
CA GLY A 140 11.25 23.64 18.69
C GLY A 140 11.71 22.32 19.31
N GLN A 141 11.01 21.80 20.33
CA GLN A 141 11.45 20.59 20.99
C GLN A 141 10.41 19.51 20.89
N ASN A 142 10.85 18.33 20.51
CA ASN A 142 9.97 17.23 20.20
C ASN A 142 9.49 16.54 21.49
N VAL A 143 8.18 16.42 21.68
CA VAL A 143 7.63 15.94 22.94
C VAL A 143 6.83 14.66 22.73
N ILE A 144 6.98 14.03 21.56
CA ILE A 144 6.21 12.84 21.27
C ILE A 144 6.67 11.70 22.16
N GLY A 145 5.72 10.96 22.75
CA GLY A 145 6.06 9.78 23.53
C GLY A 145 6.35 10.11 24.99
N LEU A 146 6.52 11.40 25.32
CA LEU A 146 6.57 11.87 26.69
C LEU A 146 5.20 11.76 27.35
N LYS A 147 5.18 11.95 28.67
CA LYS A 147 3.96 11.84 29.44
C LYS A 147 3.32 13.21 29.52
N ASP A 148 2.01 13.22 29.85
CA ASP A 148 1.24 14.46 29.84
C ASP A 148 1.85 15.43 30.85
N SER A 149 2.30 14.86 31.99
CA SER A 149 2.91 15.61 33.07
C SER A 149 4.18 16.32 32.60
N GLN A 150 4.98 15.64 31.77
CA GLN A 150 6.23 16.21 31.29
C GLN A 150 6.01 17.30 30.23
N ILE A 151 5.04 17.06 29.34
CA ILE A 151 4.57 18.08 28.39
C ILE A 151 4.02 19.26 29.18
N ALA A 152 3.18 18.95 30.19
CA ALA A 152 2.65 19.96 31.09
C ALA A 152 3.77 20.77 31.74
N ASP A 153 4.84 20.09 32.16
CA ASP A 153 6.01 20.76 32.73
C ASP A 153 6.77 21.61 31.70
N ILE A 154 6.82 21.20 30.44
CA ILE A 154 7.53 21.98 29.42
C ILE A 154 6.77 23.28 29.13
N LEU A 155 5.43 23.18 29.22
CA LEU A 155 4.55 24.32 28.98
C LEU A 155 4.61 25.26 30.17
N SER A 156 4.63 24.70 31.38
CA SER A 156 4.80 25.47 32.61
C SER A 156 6.13 26.21 32.62
N THR A 157 7.19 25.59 32.07
CA THR A 157 8.54 26.11 32.19
C THR A 157 8.98 26.74 30.86
N SER A 158 7.99 27.13 30.05
CA SER A 158 8.23 27.99 28.89
C SER A 158 8.11 29.46 29.29
N GLY A 159 8.68 30.34 28.45
CA GLY A 159 8.39 31.75 28.57
C GLY A 159 6.88 32.00 28.53
N THR A 160 6.50 33.24 28.21
CA THR A 160 5.10 33.61 28.04
C THR A 160 4.63 33.15 26.67
N VAL A 161 5.56 33.14 25.71
CA VAL A 161 5.27 32.76 24.35
C VAL A 161 5.54 31.27 24.16
N VAL A 162 4.46 30.52 23.86
CA VAL A 162 4.48 29.12 23.53
C VAL A 162 4.21 28.94 22.03
N THR A 163 5.08 28.16 21.39
CA THR A 163 4.93 27.75 20.02
C THR A 163 4.71 26.23 19.98
N ILE A 164 3.58 25.79 19.39
CA ILE A 164 3.23 24.38 19.37
C ILE A 164 3.05 23.91 17.92
N THR A 165 3.75 22.81 17.60
CA THR A 165 3.59 22.13 16.33
C THR A 165 2.70 20.92 16.51
N ILE A 166 1.62 20.88 15.71
CA ILE A 166 0.49 19.96 15.85
C ILE A 166 0.31 19.25 14.50
N MET A 167 -0.28 18.06 14.55
CA MET A 167 -0.48 17.19 13.40
C MET A 167 -1.84 16.50 13.60
N PRO A 168 -2.75 16.48 12.58
CA PRO A 168 -4.01 15.73 12.66
C PRO A 168 -3.91 14.27 13.11
N ALA A 169 -4.61 13.94 14.18
CA ALA A 169 -4.46 12.65 14.86
C ALA A 169 -4.54 11.46 13.91
N PHE A 170 -5.46 11.51 12.94
N PHE A 170 -5.42 11.55 12.91
CA PHE A 170 -5.56 10.39 12.02
CA PHE A 170 -5.60 10.42 12.00
C PHE A 170 -4.19 10.15 11.40
C PHE A 170 -4.34 10.20 11.18
N ILE A 171 -3.51 11.25 11.03
CA ILE A 171 -2.24 11.14 10.34
C ILE A 171 -1.16 10.70 11.31
N PHE A 172 -1.10 11.39 12.46
CA PHE A 172 -0.23 11.01 13.54
C PHE A 172 -0.31 9.52 13.86
N GLU A 173 -1.54 9.01 14.10
CA GLU A 173 -1.74 7.63 14.46
C GLU A 173 -1.27 6.71 13.34
N HIS A 174 -1.38 7.15 12.09
CA HIS A 174 -0.90 6.34 11.00
C HIS A 174 0.63 6.35 10.95
N ILE A 175 1.26 7.45 11.39
CA ILE A 175 2.72 7.56 11.29
C ILE A 175 3.38 6.68 12.36
N ILE A 176 3.04 6.87 13.63
CA ILE A 176 3.69 6.15 14.74
C ILE A 176 3.25 4.69 14.85
N LYS A 177 2.40 4.18 13.97
CA LYS A 177 1.97 2.78 14.04
C LYS A 177 3.21 1.88 13.88
N ARG A 178 3.24 0.76 14.61
CA ARG A 178 4.34 -0.22 14.59
C ARG A 178 5.55 0.29 15.37
N MET A 179 5.38 1.39 16.11
CA MET A 179 6.44 1.99 16.90
C MET A 179 6.04 1.87 18.36
N ALA A 180 6.79 1.04 19.14
CA ALA A 180 6.60 0.88 20.57
C ALA A 180 6.69 2.23 21.30
N PRO A 181 5.68 2.62 22.11
CA PRO A 181 5.72 3.89 22.86
C PRO A 181 7.00 4.17 23.67
N SER A 182 7.58 3.10 24.24
CA SER A 182 8.76 3.18 25.09
C SER A 182 9.97 3.65 24.28
N ILE A 183 10.06 3.15 23.05
CA ILE A 183 11.15 3.49 22.15
C ILE A 183 11.03 4.98 21.84
N MET A 184 9.79 5.43 21.67
CA MET A 184 9.48 6.83 21.40
C MET A 184 9.85 7.69 22.59
N LYS A 185 9.42 7.28 23.79
CA LYS A 185 9.75 7.94 25.04
C LYS A 185 11.27 7.99 25.25
N SER A 186 11.99 6.92 24.87
CA SER A 186 13.41 6.76 25.15
C SER A 186 14.29 7.43 24.09
N LEU A 187 14.05 7.09 22.83
CA LEU A 187 15.07 7.29 21.81
C LEU A 187 14.80 8.53 20.95
N MET A 188 13.51 8.83 20.70
CA MET A 188 13.11 10.03 19.98
C MET A 188 13.79 11.22 20.65
N ASP A 189 14.61 11.92 19.87
CA ASP A 189 15.38 13.04 20.40
C ASP A 189 14.41 14.07 20.95
N HIS A 190 14.49 14.33 22.26
CA HIS A 190 13.64 15.35 22.87
C HIS A 190 14.46 16.56 23.29
N THR A 191 15.58 16.84 22.61
CA THR A 191 16.43 17.94 23.04
C THR A 191 16.22 19.17 22.15
N ILE A 192 16.36 20.34 22.77
CA ILE A 192 16.60 21.58 22.05
C ILE A 192 17.71 21.30 21.05
N PRO A 193 17.67 21.86 19.82
CA PRO A 193 18.78 21.77 18.86
C PRO A 193 20.06 22.45 19.32
N GLU A 194 21.16 22.11 18.63
CA GLU A 194 22.50 22.54 19.00
C GLU A 194 23.06 23.48 17.93
N VAL A 195 23.95 24.41 18.34
CA VAL A 195 24.47 25.44 17.45
C VAL A 195 26.01 25.38 17.42
N ALA B 3 26.01 -27.69 7.30
CA ALA B 3 25.09 -27.50 8.44
C ALA B 3 25.77 -27.87 9.77
N GLU B 4 27.12 -27.86 9.78
CA GLU B 4 27.91 -28.30 10.92
C GLU B 4 27.92 -27.24 12.04
N ILE B 5 27.82 -27.69 13.31
CA ILE B 5 27.84 -26.83 14.49
C ILE B 5 29.20 -26.14 14.60
N LYS B 6 29.19 -24.81 14.58
CA LYS B 6 30.42 -24.02 14.59
C LYS B 6 30.93 -23.89 16.03
N GLN B 7 32.21 -23.54 16.15
CA GLN B 7 32.85 -23.40 17.46
C GLN B 7 32.89 -21.92 17.85
N GLY B 8 32.86 -21.67 19.15
CA GLY B 8 32.81 -20.33 19.69
C GLY B 8 31.66 -19.49 19.12
N ILE B 9 31.96 -18.20 18.91
CA ILE B 9 30.98 -17.14 19.05
C ILE B 9 30.97 -16.27 17.80
N ARG B 10 29.79 -16.00 17.23
CA ARG B 10 29.66 -15.04 16.13
C ARG B 10 28.73 -13.88 16.52
N GLU B 11 29.00 -12.72 15.92
CA GLU B 11 28.14 -11.55 16.04
C GLU B 11 27.24 -11.47 14.82
N VAL B 12 25.93 -11.34 15.07
CA VAL B 12 24.94 -11.13 14.02
C VAL B 12 24.34 -9.75 14.22
N ILE B 13 24.07 -9.08 13.10
CA ILE B 13 23.46 -7.77 13.10
C ILE B 13 22.08 -7.90 12.49
N LEU B 14 21.08 -7.35 13.19
CA LEU B 14 19.68 -7.46 12.79
C LEU B 14 19.07 -6.07 12.66
N CYS B 15 17.79 -6.10 12.33
CA CYS B 15 16.93 -4.95 12.47
C CYS B 15 15.52 -5.47 12.71
N LYS B 16 14.58 -4.55 12.91
CA LYS B 16 13.18 -4.91 12.93
C LYS B 16 12.63 -4.60 11.55
N ASP B 17 11.71 -5.43 11.12
CA ASP B 17 10.94 -5.17 9.92
C ASP B 17 9.93 -4.08 10.21
N GLN B 18 9.11 -3.76 9.22
CA GLN B 18 8.29 -2.57 9.27
C GLN B 18 7.13 -2.72 10.23
N ASP B 19 6.88 -3.94 10.75
CA ASP B 19 5.87 -4.14 11.79
C ASP B 19 6.49 -4.15 13.19
N GLY B 20 7.80 -3.90 13.30
CA GLY B 20 8.47 -3.83 14.60
C GLY B 20 8.89 -5.21 15.16
N LYS B 21 9.03 -6.22 14.29
CA LYS B 21 9.23 -7.60 14.67
C LYS B 21 10.58 -8.12 14.14
N ILE B 22 11.12 -9.11 14.84
CA ILE B 22 12.43 -9.67 14.55
C ILE B 22 12.25 -11.06 13.98
N GLY B 23 11.20 -11.75 14.44
CA GLY B 23 10.85 -13.08 13.98
C GLY B 23 11.48 -14.16 14.85
N LEU B 24 11.46 -13.93 16.17
CA LEU B 24 12.17 -14.72 17.17
C LEU B 24 11.29 -14.90 18.40
N ARG B 25 11.32 -16.09 18.97
CA ARG B 25 11.01 -16.25 20.38
C ARG B 25 12.23 -16.81 21.12
N LEU B 26 12.41 -16.32 22.36
CA LEU B 26 13.54 -16.61 23.23
C LEU B 26 13.06 -17.32 24.48
N LYS B 27 13.91 -18.24 24.98
CA LYS B 27 13.59 -19.03 26.15
C LYS B 27 14.81 -19.13 27.05
N SER B 28 14.55 -18.96 28.36
CA SER B 28 15.53 -19.14 29.43
C SER B 28 15.78 -20.63 29.68
N ILE B 29 17.04 -21.06 29.63
CA ILE B 29 17.40 -22.45 29.95
C ILE B 29 18.73 -22.48 30.71
N ASP B 30 18.75 -23.02 31.92
CA ASP B 30 19.98 -23.15 32.67
C ASP B 30 20.71 -21.80 32.73
N ASN B 31 19.97 -20.71 32.96
CA ASN B 31 20.55 -19.38 33.15
C ASN B 31 21.16 -18.80 31.89
N GLY B 32 20.88 -19.42 30.75
CA GLY B 32 21.09 -18.76 29.47
C GLY B 32 19.78 -18.47 28.78
N ILE B 33 19.91 -17.86 27.57
CA ILE B 33 18.82 -17.53 26.65
C ILE B 33 19.00 -18.27 25.31
N PHE B 34 17.94 -18.96 24.88
CA PHE B 34 18.01 -19.76 23.66
C PHE B 34 16.79 -19.54 22.77
N VAL B 35 17.04 -19.60 21.46
CA VAL B 35 16.03 -19.41 20.43
C VAL B 35 15.12 -20.64 20.44
N GLN B 36 13.81 -20.40 20.62
CA GLN B 36 12.81 -21.45 20.61
C GLN B 36 11.98 -21.41 19.33
N LEU B 37 11.97 -20.28 18.60
CA LEU B 37 11.25 -20.16 17.33
C LEU B 37 11.91 -19.09 16.46
N VAL B 38 12.18 -19.41 15.20
CA VAL B 38 12.42 -18.40 14.16
C VAL B 38 11.26 -18.46 13.16
N GLN B 39 10.74 -17.30 12.74
CA GLN B 39 9.64 -17.25 11.77
C GLN B 39 10.19 -17.04 10.35
N ALA B 40 9.68 -17.80 9.38
CA ALA B 40 10.18 -17.70 8.01
C ALA B 40 9.94 -16.30 7.47
N ASN B 41 10.86 -15.82 6.62
CA ASN B 41 10.71 -14.52 6.00
C ASN B 41 10.66 -13.49 7.13
N SER B 42 11.73 -13.50 7.92
CA SER B 42 11.84 -12.60 9.05
C SER B 42 13.28 -12.11 9.09
N PRO B 43 13.55 -10.92 9.68
CA PRO B 43 14.92 -10.44 9.80
C PRO B 43 15.80 -11.53 10.38
N ALA B 44 15.23 -12.32 11.32
CA ALA B 44 16.03 -13.30 12.04
C ALA B 44 16.42 -14.48 11.13
N SER B 45 15.50 -14.93 10.28
CA SER B 45 15.80 -16.04 9.37
C SER B 45 16.85 -15.60 8.35
N LEU B 46 16.58 -14.45 7.72
CA LEU B 46 17.50 -13.86 6.74
C LEU B 46 18.93 -13.79 7.28
N VAL B 47 19.11 -13.48 8.58
CA VAL B 47 20.46 -13.29 9.09
C VAL B 47 21.08 -14.62 9.51
N GLY B 48 20.27 -15.69 9.60
CA GLY B 48 20.80 -17.02 9.80
C GLY B 48 20.69 -17.48 11.26
N LEU B 49 19.71 -16.93 11.99
CA LEU B 49 19.49 -17.45 13.32
C LEU B 49 18.68 -18.74 13.19
N ARG B 50 18.97 -19.68 14.10
CA ARG B 50 18.42 -21.02 14.10
C ARG B 50 17.90 -21.38 15.50
N PHE B 51 16.94 -22.31 15.48
CA PHE B 51 16.45 -22.96 16.68
C PHE B 51 17.63 -23.59 17.41
N GLY B 52 17.71 -23.31 18.69
CA GLY B 52 18.75 -23.91 19.50
C GLY B 52 19.90 -22.96 19.77
N ASP B 53 20.01 -21.88 18.98
CA ASP B 53 21.09 -20.93 19.15
C ASP B 53 21.04 -20.36 20.57
N GLN B 54 22.23 -20.12 21.15
CA GLN B 54 22.36 -19.43 22.41
C GLN B 54 22.60 -17.96 22.15
N VAL B 55 21.90 -17.10 22.90
CA VAL B 55 22.08 -15.66 22.73
C VAL B 55 22.85 -15.18 23.96
N LEU B 56 24.10 -14.78 23.72
CA LEU B 56 25.00 -14.39 24.79
C LEU B 56 24.78 -12.93 25.14
N GLN B 57 24.66 -12.09 24.10
CA GLN B 57 24.40 -10.67 24.32
C GLN B 57 23.46 -10.09 23.27
N ILE B 58 22.72 -9.04 23.69
CA ILE B 58 21.85 -8.22 22.86
C ILE B 58 22.24 -6.76 23.07
N ASN B 59 22.71 -6.14 21.99
CA ASN B 59 23.25 -4.79 22.04
C ASN B 59 24.31 -4.71 23.13
N GLY B 60 25.18 -5.70 23.19
CA GLY B 60 26.34 -5.67 24.08
C GLY B 60 25.96 -5.75 25.55
N GLU B 61 24.72 -6.19 25.84
CA GLU B 61 24.25 -6.45 27.19
C GLU B 61 24.20 -7.97 27.34
N ASN B 62 24.57 -8.52 28.50
CA ASN B 62 24.65 -9.97 28.67
C ASN B 62 23.29 -10.52 29.05
N CYS B 63 22.99 -11.72 28.53
CA CYS B 63 21.68 -12.35 28.66
C CYS B 63 21.60 -13.26 29.88
N ALA B 64 22.78 -13.55 30.44
CA ALA B 64 22.92 -14.38 31.62
C ALA B 64 21.91 -14.00 32.70
N GLY B 65 21.15 -15.01 33.15
CA GLY B 65 20.20 -14.82 34.22
C GLY B 65 18.80 -14.44 33.74
N TRP B 66 18.69 -13.80 32.57
CA TRP B 66 17.42 -13.23 32.14
C TRP B 66 16.36 -14.31 32.05
N SER B 67 15.16 -13.98 32.53
CA SER B 67 14.00 -14.81 32.25
C SER B 67 13.55 -14.53 30.80
N SER B 68 12.72 -15.43 30.27
CA SER B 68 12.12 -15.31 28.95
C SER B 68 11.51 -13.93 28.78
N ASP B 69 10.74 -13.52 29.81
CA ASP B 69 9.94 -12.31 29.77
C ASP B 69 10.84 -11.08 29.67
N LYS B 70 11.96 -11.09 30.38
CA LYS B 70 12.92 -9.99 30.26
C LYS B 70 13.56 -9.93 28.87
N ALA B 71 13.70 -11.06 28.20
CA ALA B 71 14.40 -11.07 26.93
C ALA B 71 13.50 -10.48 25.84
N HIS B 72 12.25 -10.96 25.80
CA HIS B 72 11.22 -10.44 24.92
C HIS B 72 10.94 -8.97 25.23
N LYS B 73 10.97 -8.62 26.51
CA LYS B 73 10.79 -7.22 26.87
C LYS B 73 11.91 -6.40 26.21
N VAL B 74 13.16 -6.87 26.30
CA VAL B 74 14.28 -6.16 25.70
C VAL B 74 14.14 -6.08 24.18
N LEU B 75 13.69 -7.17 23.55
CA LEU B 75 13.47 -7.16 22.11
C LEU B 75 12.35 -6.18 21.75
N LYS B 76 11.25 -6.22 22.52
CA LYS B 76 10.18 -5.26 22.35
C LYS B 76 10.71 -3.83 22.39
N GLN B 77 11.69 -3.55 23.26
CA GLN B 77 12.12 -2.17 23.48
C GLN B 77 13.26 -1.77 22.56
N ALA B 78 13.85 -2.71 21.83
CA ALA B 78 14.97 -2.43 20.96
C ALA B 78 14.62 -1.46 19.83
N PHE B 79 15.33 -0.35 19.68
CA PHE B 79 15.26 0.41 18.45
C PHE B 79 15.53 -0.51 17.26
N GLY B 80 14.77 -0.32 16.18
CA GLY B 80 14.68 -1.29 15.11
C GLY B 80 15.74 -1.11 14.02
N GLU B 81 16.50 0.00 14.06
CA GLU B 81 17.50 0.24 13.02
C GLU B 81 18.62 -0.78 13.05
N LYS B 82 19.28 -0.97 14.20
CA LYS B 82 20.35 -1.93 14.31
C LYS B 82 20.32 -2.60 15.69
N ILE B 83 20.21 -3.93 15.64
CA ILE B 83 20.21 -4.76 16.82
C ILE B 83 21.38 -5.73 16.62
N THR B 84 22.38 -5.66 17.52
CA THR B 84 23.49 -6.58 17.51
C THR B 84 23.24 -7.69 18.52
N MET B 85 23.46 -8.94 18.08
CA MET B 85 23.39 -10.09 18.96
C MET B 85 24.69 -10.90 18.86
N THR B 86 25.10 -11.47 19.98
CA THR B 86 26.24 -12.36 20.03
C THR B 86 25.72 -13.77 20.23
N ILE B 87 26.01 -14.67 19.28
CA ILE B 87 25.45 -16.00 19.21
C ILE B 87 26.53 -17.06 19.43
N ARG B 88 26.16 -18.13 20.14
CA ARG B 88 26.87 -19.39 20.10
C ARG B 88 25.97 -20.40 19.40
N ASP B 89 26.52 -21.07 18.38
CA ASP B 89 25.73 -21.79 17.40
C ASP B 89 25.23 -23.09 18.02
N ARG B 90 23.90 -23.28 18.02
CA ARG B 90 23.22 -24.48 18.51
C ARG B 90 24.04 -25.36 19.45
N PRO B 91 24.42 -24.90 20.66
CA PRO B 91 25.27 -25.66 21.58
C PRO B 91 24.73 -26.98 22.11
N PHE B 92 23.40 -27.12 22.15
CA PHE B 92 22.80 -28.32 22.69
C PHE B 92 22.69 -29.38 21.60
N GLU B 93 23.13 -29.02 20.38
CA GLU B 93 22.94 -29.86 19.22
C GLU B 93 24.26 -30.41 18.70
N ARG B 94 24.11 -31.45 17.87
CA ARG B 94 25.17 -32.14 17.14
C ARG B 94 24.62 -32.62 15.81
N THR B 95 25.49 -32.68 14.80
CA THR B 95 25.08 -33.23 13.51
C THR B 95 25.79 -34.54 13.24
N ILE B 96 25.15 -35.36 12.40
CA ILE B 96 25.60 -36.70 12.05
C ILE B 96 25.26 -36.93 10.59
N THR B 97 26.25 -37.45 9.86
CA THR B 97 26.11 -37.68 8.42
C THR B 97 26.05 -39.18 8.16
N MET B 98 25.13 -39.57 7.29
CA MET B 98 24.79 -40.97 7.08
C MET B 98 24.48 -41.17 5.60
N HIS B 99 24.66 -42.40 5.07
CA HIS B 99 24.54 -42.68 3.65
C HIS B 99 23.40 -43.69 3.37
N LYS B 100 22.28 -43.19 2.84
CA LYS B 100 21.17 -44.00 2.34
C LYS B 100 21.68 -45.22 1.59
N ASP B 101 21.19 -46.42 1.93
CA ASP B 101 21.67 -47.65 1.30
C ASP B 101 20.83 -47.90 0.04
N SER B 102 20.98 -49.06 -0.60
CA SER B 102 20.31 -49.36 -1.85
C SER B 102 18.79 -49.34 -1.68
N THR B 103 18.33 -49.75 -0.49
CA THR B 103 16.93 -49.66 -0.10
C THR B 103 16.55 -48.21 0.16
N GLY B 104 17.53 -47.39 0.54
CA GLY B 104 17.36 -45.93 0.57
C GLY B 104 17.17 -45.41 2.00
N HIS B 105 17.71 -46.20 2.95
CA HIS B 105 17.51 -46.04 4.37
C HIS B 105 18.86 -45.69 4.99
N VAL B 106 18.85 -44.97 6.13
CA VAL B 106 20.06 -44.64 6.86
C VAL B 106 20.13 -45.50 8.10
N GLY B 107 18.95 -45.88 8.63
CA GLY B 107 18.79 -47.01 9.54
C GLY B 107 18.32 -46.64 10.95
N PHE B 108 17.16 -45.98 11.07
CA PHE B 108 16.60 -45.78 12.40
C PHE B 108 15.06 -45.73 12.36
N ILE B 109 14.45 -45.91 13.53
CA ILE B 109 13.03 -45.68 13.71
C ILE B 109 12.84 -44.41 14.54
N PHE B 110 11.79 -43.63 14.25
CA PHE B 110 11.50 -42.44 15.03
C PHE B 110 10.00 -42.29 15.15
N LYS B 111 9.57 -41.45 16.11
CA LYS B 111 8.16 -41.19 16.41
C LYS B 111 8.04 -39.82 17.11
N ASN B 112 7.07 -39.02 16.70
CA ASN B 112 6.96 -37.61 17.07
C ASN B 112 8.32 -36.92 16.93
N GLY B 113 9.04 -37.24 15.84
CA GLY B 113 10.34 -36.67 15.64
C GLY B 113 11.38 -37.08 16.68
N LYS B 114 11.12 -38.08 17.54
CA LYS B 114 12.17 -38.55 18.42
C LYS B 114 12.66 -39.90 17.96
N ILE B 115 13.98 -40.11 18.06
CA ILE B 115 14.62 -41.31 17.56
C ILE B 115 14.45 -42.37 18.62
N THR B 116 13.92 -43.54 18.21
CA THR B 116 13.53 -44.56 19.18
C THR B 116 14.35 -45.83 19.01
N SER B 117 14.88 -46.08 17.82
CA SER B 117 15.53 -47.34 17.56
C SER B 117 16.61 -47.14 16.49
N ILE B 118 17.73 -47.87 16.62
CA ILE B 118 18.84 -47.83 15.68
C ILE B 118 18.92 -49.21 14.99
N VAL B 119 18.86 -49.24 13.67
CA VAL B 119 18.92 -50.51 12.94
C VAL B 119 20.33 -51.10 13.01
N LYS B 120 20.39 -52.44 13.04
CA LYS B 120 21.54 -53.17 13.57
C LYS B 120 22.81 -52.92 12.75
N ASP B 121 22.69 -52.97 11.43
CA ASP B 121 23.89 -52.83 10.61
C ASP B 121 23.73 -51.71 9.61
N SER B 122 23.35 -50.54 10.11
CA SER B 122 23.02 -49.40 9.26
C SER B 122 24.14 -48.37 9.30
N SER B 123 24.01 -47.32 8.49
CA SER B 123 24.91 -46.18 8.61
C SER B 123 24.70 -45.54 9.99
N ALA B 124 23.42 -45.38 10.36
CA ALA B 124 23.06 -44.85 11.66
C ALA B 124 23.86 -45.57 12.73
N ALA B 125 23.98 -46.88 12.61
CA ALA B 125 24.73 -47.68 13.56
C ALA B 125 26.22 -47.34 13.49
N ARG B 126 26.70 -47.14 12.27
CA ARG B 126 28.13 -46.91 12.03
C ARG B 126 28.52 -45.52 12.57
N ASN B 127 27.69 -44.52 12.31
CA ASN B 127 28.00 -43.14 12.67
C ASN B 127 27.65 -42.80 14.11
N GLY B 128 27.10 -43.75 14.90
CA GLY B 128 26.90 -43.57 16.33
C GLY B 128 25.63 -42.80 16.73
N LEU B 129 24.60 -42.82 15.86
CA LEU B 129 23.31 -42.19 16.12
C LEU B 129 22.72 -42.77 17.39
N LEU B 130 21.97 -41.93 18.10
CA LEU B 130 21.55 -42.16 19.47
C LEU B 130 20.03 -42.06 19.57
N THR B 131 19.43 -42.80 20.52
CA THR B 131 17.99 -42.71 20.66
C THR B 131 17.66 -41.63 21.68
N GLU B 132 16.37 -41.37 21.86
CA GLU B 132 15.96 -40.40 22.85
C GLU B 132 16.59 -39.06 22.45
N HIS B 133 16.64 -38.84 21.13
CA HIS B 133 17.10 -37.59 20.57
C HIS B 133 16.04 -37.15 19.56
N ASN B 134 15.61 -35.88 19.68
CA ASN B 134 14.71 -35.25 18.74
C ASN B 134 15.49 -34.81 17.52
N ILE B 135 14.88 -34.99 16.34
CA ILE B 135 15.42 -34.51 15.07
C ILE B 135 15.09 -33.03 14.95
N CYS B 136 16.11 -32.17 14.89
CA CYS B 136 15.90 -30.74 14.79
C CYS B 136 16.02 -30.27 13.34
N GLU B 137 17.05 -30.76 12.65
CA GLU B 137 17.29 -30.37 11.27
C GLU B 137 17.69 -31.59 10.45
N ILE B 138 17.30 -31.59 9.16
CA ILE B 138 17.76 -32.55 8.17
C ILE B 138 18.41 -31.77 7.02
N ASN B 139 19.70 -32.01 6.76
CA ASN B 139 20.44 -31.28 5.73
C ASN B 139 20.35 -29.75 5.98
N GLY B 140 20.38 -29.36 7.25
CA GLY B 140 20.36 -27.95 7.63
C GLY B 140 18.98 -27.34 7.53
N GLN B 141 17.97 -28.15 7.18
CA GLN B 141 16.60 -27.70 7.15
C GLN B 141 15.88 -28.10 8.45
N ASN B 142 15.32 -27.07 9.13
CA ASN B 142 14.53 -27.21 10.33
C ASN B 142 13.25 -28.03 10.06
N VAL B 143 13.01 -29.10 10.82
CA VAL B 143 11.79 -29.87 10.68
C VAL B 143 10.99 -29.88 11.99
N ILE B 144 11.21 -28.91 12.86
CA ILE B 144 10.49 -28.90 14.12
C ILE B 144 9.04 -28.50 13.91
N GLY B 145 8.13 -29.39 14.31
CA GLY B 145 6.70 -29.17 14.16
C GLY B 145 6.12 -29.86 12.92
N LEU B 146 6.99 -30.34 12.01
CA LEU B 146 6.54 -31.16 10.89
C LEU B 146 6.04 -32.51 11.40
N LYS B 147 5.25 -33.18 10.57
CA LYS B 147 4.71 -34.48 10.92
C LYS B 147 5.70 -35.56 10.50
N ASP B 148 5.56 -36.76 11.07
CA ASP B 148 6.53 -37.83 10.88
C ASP B 148 6.60 -38.23 9.40
N SER B 149 5.50 -38.01 8.67
CA SER B 149 5.52 -38.21 7.23
C SER B 149 6.25 -37.07 6.51
N GLN B 150 6.03 -35.82 6.93
CA GLN B 150 6.73 -34.68 6.33
C GLN B 150 8.24 -34.94 6.45
N ILE B 151 8.68 -35.43 7.62
CA ILE B 151 10.08 -35.66 7.89
C ILE B 151 10.56 -36.84 7.06
N ALA B 152 9.67 -37.81 6.84
CA ALA B 152 10.01 -39.03 6.11
C ALA B 152 10.16 -38.73 4.62
N ASP B 153 9.29 -37.88 4.08
CA ASP B 153 9.40 -37.40 2.71
C ASP B 153 10.74 -36.71 2.51
N ILE B 154 11.01 -35.69 3.34
CA ILE B 154 12.25 -34.93 3.28
C ILE B 154 13.49 -35.84 3.31
N LEU B 155 13.42 -36.96 4.02
CA LEU B 155 14.54 -37.90 4.03
C LEU B 155 14.62 -38.60 2.68
N SER B 156 13.46 -38.80 2.03
CA SER B 156 13.40 -39.60 0.81
C SER B 156 13.80 -38.74 -0.38
N THR B 157 13.12 -37.59 -0.55
CA THR B 157 13.49 -36.57 -1.51
C THR B 157 14.76 -35.89 -1.04
N SER B 158 15.90 -36.60 -1.13
CA SER B 158 17.15 -36.15 -0.53
C SER B 158 18.29 -37.00 -1.08
N GLY B 159 19.52 -36.57 -0.81
CA GLY B 159 20.68 -37.23 -1.39
C GLY B 159 20.97 -38.56 -0.71
N THR B 160 21.90 -39.32 -1.29
CA THR B 160 22.46 -40.47 -0.62
C THR B 160 23.11 -40.01 0.69
N VAL B 161 23.74 -38.84 0.63
CA VAL B 161 24.44 -38.30 1.78
C VAL B 161 23.45 -37.40 2.52
N VAL B 162 23.23 -37.70 3.82
CA VAL B 162 22.15 -37.13 4.61
C VAL B 162 22.72 -36.69 5.95
N THR B 163 22.54 -35.40 6.30
CA THR B 163 23.05 -34.90 7.57
C THR B 163 21.86 -34.68 8.51
N ILE B 164 22.00 -35.11 9.77
CA ILE B 164 20.93 -34.95 10.73
C ILE B 164 21.48 -34.23 11.96
N THR B 165 20.78 -33.15 12.35
CA THR B 165 21.06 -32.41 13.57
C THR B 165 20.07 -32.80 14.67
N ILE B 166 20.59 -33.27 15.80
CA ILE B 166 19.79 -33.83 16.87
C ILE B 166 20.11 -33.12 18.19
N MET B 167 19.18 -33.23 19.15
CA MET B 167 19.26 -32.64 20.47
C MET B 167 18.66 -33.63 21.48
N PRO B 168 19.26 -33.87 22.66
CA PRO B 168 18.64 -34.71 23.69
C PRO B 168 17.21 -34.32 24.03
N ALA B 169 16.35 -35.34 24.02
CA ALA B 169 14.92 -35.20 24.17
C ALA B 169 14.61 -34.31 25.36
N PHE B 170 15.25 -34.60 26.49
N PHE B 170 15.17 -34.60 26.52
CA PHE B 170 14.99 -33.93 27.76
CA PHE B 170 14.79 -33.85 27.72
C PHE B 170 15.16 -32.42 27.60
C PHE B 170 15.08 -32.37 27.53
N ILE B 171 16.10 -32.01 26.75
CA ILE B 171 16.43 -30.60 26.56
C ILE B 171 15.47 -29.96 25.56
N PHE B 172 15.26 -30.63 24.41
CA PHE B 172 14.29 -30.20 23.43
C PHE B 172 12.91 -29.95 24.06
N GLU B 173 12.44 -30.89 24.91
CA GLU B 173 11.16 -30.73 25.59
C GLU B 173 11.21 -29.56 26.57
N HIS B 174 12.38 -29.20 27.07
CA HIS B 174 12.47 -27.99 27.90
C HIS B 174 12.36 -26.70 27.08
N ILE B 175 12.88 -26.69 25.85
CA ILE B 175 13.05 -25.46 25.09
C ILE B 175 11.73 -25.04 24.46
N ILE B 176 10.90 -26.03 24.13
CA ILE B 176 9.63 -25.79 23.47
C ILE B 176 8.52 -25.50 24.47
N LYS B 177 8.83 -25.53 25.78
CA LYS B 177 7.88 -25.12 26.82
C LYS B 177 7.60 -23.62 26.76
N ARG B 178 6.44 -23.23 27.32
CA ARG B 178 5.97 -21.85 27.28
C ARG B 178 5.82 -21.36 25.83
N MET B 179 5.20 -22.20 24.98
CA MET B 179 4.92 -21.82 23.61
C MET B 179 3.95 -22.86 23.05
N ALA B 180 2.77 -22.39 22.61
CA ALA B 180 1.66 -23.23 22.17
C ALA B 180 2.02 -23.98 20.90
N PRO B 181 1.87 -25.33 20.86
CA PRO B 181 2.23 -26.10 19.65
C PRO B 181 1.65 -25.59 18.34
N SER B 182 0.62 -24.73 18.41
CA SER B 182 -0.08 -24.28 17.22
C SER B 182 0.74 -23.21 16.51
N ILE B 183 1.37 -22.35 17.33
CA ILE B 183 2.36 -21.37 16.92
C ILE B 183 3.56 -22.07 16.28
N MET B 184 4.09 -23.06 17.01
CA MET B 184 5.33 -23.72 16.64
C MET B 184 5.10 -24.48 15.33
N LYS B 185 3.91 -25.04 15.19
CA LYS B 185 3.59 -25.86 14.04
C LYS B 185 3.39 -24.97 12.81
N SER B 186 3.07 -23.69 13.01
CA SER B 186 2.63 -22.83 11.91
C SER B 186 3.57 -21.65 11.66
N LEU B 187 4.41 -21.25 12.62
CA LEU B 187 5.32 -20.12 12.42
C LEU B 187 6.76 -20.57 12.20
N MET B 188 7.12 -21.81 12.59
CA MET B 188 8.51 -22.21 12.60
C MET B 188 9.05 -22.15 11.18
N ASP B 189 10.30 -21.69 11.04
CA ASP B 189 10.96 -21.49 9.77
C ASP B 189 11.44 -22.85 9.26
N HIS B 190 11.08 -23.24 8.02
CA HIS B 190 11.53 -24.50 7.44
C HIS B 190 12.27 -24.29 6.12
N THR B 191 12.74 -23.05 5.91
CA THR B 191 13.55 -22.65 4.77
C THR B 191 14.67 -23.64 4.47
N ILE B 192 14.90 -23.87 3.18
CA ILE B 192 16.02 -24.71 2.80
C ILE B 192 17.26 -23.79 2.74
N PRO B 193 18.41 -24.19 3.34
CA PRO B 193 19.65 -23.41 3.25
C PRO B 193 19.92 -22.84 1.86
N GLU B 194 20.02 -21.50 1.81
CA GLU B 194 20.41 -20.76 0.62
C GLU B 194 21.91 -20.55 0.63
N VAL B 195 22.49 -20.18 -0.51
CA VAL B 195 23.86 -19.67 -0.49
C VAL B 195 23.90 -18.30 -1.16
N ALA C 3 -2.45 30.99 -5.54
CA ALA C 3 -2.11 29.56 -5.23
C ALA C 3 -1.34 29.46 -3.91
N GLU C 4 -0.17 30.12 -3.85
CA GLU C 4 0.80 29.94 -2.78
C GLU C 4 0.17 30.27 -1.42
N ILE C 5 0.58 29.51 -0.39
CA ILE C 5 -0.10 29.47 0.91
C ILE C 5 0.64 30.34 1.93
N LYS C 6 -0.10 31.25 2.58
CA LYS C 6 0.40 32.11 3.64
C LYS C 6 0.21 31.46 5.01
N GLN C 7 1.17 31.70 5.92
CA GLN C 7 1.03 31.40 7.34
C GLN C 7 0.52 32.64 8.08
N GLY C 8 0.40 33.75 7.33
CA GLY C 8 -0.29 34.94 7.80
C GLY C 8 -1.72 34.65 8.24
N ILE C 9 -2.09 35.34 9.33
CA ILE C 9 -3.46 35.62 9.71
C ILE C 9 -3.79 37.01 9.21
N ARG C 10 -4.81 37.15 8.35
CA ARG C 10 -5.24 38.45 7.85
C ARG C 10 -6.69 38.73 8.25
N GLU C 11 -7.07 40.02 8.18
CA GLU C 11 -8.42 40.50 8.43
C GLU C 11 -9.06 40.87 7.10
N VAL C 12 -10.37 40.62 6.93
CA VAL C 12 -11.10 41.03 5.74
C VAL C 12 -12.35 41.82 6.15
N ILE C 13 -12.57 42.95 5.46
CA ILE C 13 -13.79 43.73 5.58
C ILE C 13 -14.74 43.33 4.45
N LEU C 14 -16.02 43.14 4.80
CA LEU C 14 -17.04 42.56 3.92
C LEU C 14 -18.34 43.34 4.07
N CYS C 15 -19.09 43.43 2.96
CA CYS C 15 -20.46 43.93 3.01
C CYS C 15 -21.40 42.98 2.29
N LYS C 16 -22.62 42.87 2.84
CA LYS C 16 -23.65 42.01 2.28
C LYS C 16 -24.15 42.59 0.96
N ASP C 17 -24.50 41.73 0.00
CA ASP C 17 -24.97 42.22 -1.29
C ASP C 17 -26.38 42.77 -1.15
N GLN C 18 -26.97 43.08 -2.30
CA GLN C 18 -28.34 43.55 -2.41
C GLN C 18 -29.32 42.52 -1.85
N ASP C 19 -28.99 41.23 -1.99
CA ASP C 19 -29.79 40.16 -1.40
C ASP C 19 -29.36 39.87 0.05
N GLY C 20 -28.46 40.69 0.62
CA GLY C 20 -28.02 40.55 2.01
C GLY C 20 -27.27 39.25 2.30
N LYS C 21 -26.79 38.59 1.23
CA LYS C 21 -25.88 37.45 1.34
C LYS C 21 -24.45 37.95 1.31
N ILE C 22 -23.49 37.05 1.63
CA ILE C 22 -22.08 37.26 1.33
C ILE C 22 -21.53 36.09 0.50
N GLY C 23 -22.27 34.98 0.41
CA GLY C 23 -21.94 33.94 -0.54
C GLY C 23 -20.95 32.91 0.01
N LEU C 24 -21.24 32.42 1.23
CA LEU C 24 -20.38 31.53 2.00
C LEU C 24 -21.17 30.39 2.61
N ARG C 25 -20.60 29.17 2.58
CA ARG C 25 -20.99 28.12 3.52
C ARG C 25 -19.84 27.83 4.48
N LEU C 26 -20.16 27.71 5.78
CA LEU C 26 -19.20 27.44 6.85
C LEU C 26 -19.43 26.08 7.49
N LYS C 27 -18.35 25.46 8.03
CA LYS C 27 -18.39 24.10 8.56
C LYS C 27 -17.47 23.93 9.77
N SER C 28 -17.97 23.18 10.77
CA SER C 28 -17.27 22.87 12.00
C SER C 28 -16.28 21.75 11.73
N ILE C 29 -15.02 21.96 12.14
CA ILE C 29 -13.97 20.95 12.02
C ILE C 29 -13.03 21.11 13.21
N ASP C 30 -12.92 20.08 14.05
CA ASP C 30 -11.90 20.02 15.10
C ASP C 30 -12.00 21.27 15.97
N ASN C 31 -13.24 21.73 16.19
CA ASN C 31 -13.54 22.90 17.01
C ASN C 31 -13.03 24.18 16.35
N GLY C 32 -12.82 24.07 15.03
CA GLY C 32 -12.62 25.25 14.21
C GLY C 32 -13.76 25.45 13.21
N ILE C 33 -13.80 26.66 12.65
CA ILE C 33 -14.76 27.02 11.62
C ILE C 33 -14.01 27.22 10.31
N PHE C 34 -14.46 26.55 9.25
CA PHE C 34 -13.82 26.58 7.94
C PHE C 34 -14.81 26.79 6.79
N VAL C 35 -14.29 27.24 5.64
CA VAL C 35 -15.06 27.56 4.46
C VAL C 35 -15.26 26.29 3.64
N GLN C 36 -16.53 25.84 3.50
CA GLN C 36 -16.83 24.70 2.63
C GLN C 36 -17.36 25.13 1.25
N LEU C 37 -17.75 26.39 1.11
CA LEU C 37 -18.08 26.89 -0.21
C LEU C 37 -18.00 28.41 -0.22
N VAL C 38 -17.41 28.95 -1.30
CA VAL C 38 -17.52 30.35 -1.69
C VAL C 38 -18.31 30.39 -3.01
N GLN C 39 -19.26 31.32 -3.12
CA GLN C 39 -20.01 31.50 -4.36
C GLN C 39 -19.25 32.46 -5.28
N ALA C 40 -19.11 32.09 -6.57
CA ALA C 40 -18.54 33.03 -7.54
C ALA C 40 -19.32 34.35 -7.55
N ASN C 41 -18.62 35.45 -7.80
N ASN C 41 -18.60 35.43 -7.84
CA ASN C 41 -19.26 36.74 -8.00
CA ASN C 41 -19.10 36.81 -7.94
C ASN C 41 -19.94 37.19 -6.71
C ASN C 41 -19.94 37.18 -6.72
N SER C 42 -19.73 36.46 -5.61
CA SER C 42 -20.21 36.86 -4.30
C SER C 42 -19.28 37.90 -3.73
N PRO C 43 -19.72 38.71 -2.73
CA PRO C 43 -18.82 39.54 -1.95
C PRO C 43 -17.68 38.82 -1.23
N ALA C 44 -17.75 37.49 -1.17
CA ALA C 44 -16.76 36.70 -0.48
C ALA C 44 -15.60 36.40 -1.43
N SER C 45 -15.93 36.08 -2.68
CA SER C 45 -14.94 35.81 -3.71
C SER C 45 -14.12 37.06 -3.99
N LEU C 46 -14.83 38.18 -4.15
CA LEU C 46 -14.25 39.43 -4.58
C LEU C 46 -13.17 39.88 -3.61
N VAL C 47 -13.38 39.61 -2.32
CA VAL C 47 -12.51 40.10 -1.27
C VAL C 47 -11.41 39.06 -0.99
N GLY C 48 -11.50 37.85 -1.54
CA GLY C 48 -10.40 36.89 -1.52
C GLY C 48 -10.58 35.63 -0.65
N LEU C 49 -11.75 35.40 -0.04
CA LEU C 49 -11.97 34.17 0.71
C LEU C 49 -11.99 32.98 -0.24
N ARG C 50 -11.33 31.90 0.17
CA ARG C 50 -11.24 30.69 -0.62
C ARG C 50 -11.75 29.51 0.20
N PHE C 51 -12.08 28.43 -0.50
CA PHE C 51 -12.40 27.16 0.12
C PHE C 51 -11.21 26.72 0.95
N GLY C 52 -11.48 26.41 2.23
CA GLY C 52 -10.49 25.78 3.08
C GLY C 52 -9.99 26.73 4.16
N ASP C 53 -10.15 28.03 3.91
CA ASP C 53 -9.79 29.08 4.85
C ASP C 53 -10.45 28.80 6.20
N GLN C 54 -9.80 29.24 7.28
CA GLN C 54 -10.32 29.11 8.63
C GLN C 54 -10.77 30.49 9.14
N VAL C 55 -11.94 30.54 9.79
CA VAL C 55 -12.45 31.77 10.39
C VAL C 55 -12.19 31.69 11.89
N LEU C 56 -11.17 32.41 12.35
CA LEU C 56 -10.83 32.46 13.74
C LEU C 56 -11.78 33.40 14.46
N GLN C 57 -12.19 34.48 13.78
CA GLN C 57 -13.08 35.45 14.40
C GLN C 57 -14.09 35.96 13.39
N ILE C 58 -15.19 36.52 13.91
CA ILE C 58 -16.17 37.27 13.17
C ILE C 58 -16.56 38.44 14.05
N ASN C 59 -16.56 39.65 13.46
CA ASN C 59 -16.73 40.91 14.17
C ASN C 59 -16.04 40.87 15.53
N GLY C 60 -14.95 40.11 15.66
CA GLY C 60 -14.05 40.23 16.80
C GLY C 60 -14.34 39.23 17.92
N GLU C 61 -15.16 38.21 17.64
CA GLU C 61 -15.49 37.17 18.59
C GLU C 61 -14.90 35.87 18.07
N ASN C 62 -14.50 34.98 19.00
CA ASN C 62 -13.79 33.77 18.64
C ASN C 62 -14.81 32.82 18.07
N CYS C 63 -14.45 32.14 16.98
CA CYS C 63 -15.30 31.11 16.43
C CYS C 63 -15.04 29.75 17.05
N ALA C 64 -14.02 29.62 17.93
CA ALA C 64 -13.68 28.32 18.50
C ALA C 64 -14.90 27.67 19.12
N GLY C 65 -15.18 26.46 18.66
CA GLY C 65 -16.17 25.58 19.26
C GLY C 65 -17.58 25.81 18.74
N TRP C 66 -17.74 26.75 17.79
CA TRP C 66 -19.04 27.05 17.23
C TRP C 66 -19.52 25.86 16.41
N SER C 67 -20.84 25.65 16.43
CA SER C 67 -21.48 24.81 15.42
C SER C 67 -21.45 25.56 14.09
N SER C 68 -21.63 24.82 13.01
CA SER C 68 -21.92 25.35 11.71
C SER C 68 -23.13 26.27 11.73
N ASP C 69 -24.10 25.98 12.59
CA ASP C 69 -25.37 26.70 12.64
C ASP C 69 -25.18 28.04 13.35
N LYS C 70 -24.47 28.02 14.49
CA LYS C 70 -24.18 29.26 15.16
C LYS C 70 -23.29 30.15 14.28
N ALA C 71 -22.47 29.51 13.44
CA ALA C 71 -21.65 30.29 12.51
C ALA C 71 -22.56 31.00 11.49
N HIS C 72 -23.45 30.24 10.84
CA HIS C 72 -24.38 30.80 9.87
C HIS C 72 -25.31 31.83 10.52
N LYS C 73 -25.88 31.48 11.68
CA LYS C 73 -26.84 32.35 12.34
C LYS C 73 -26.20 33.69 12.73
N VAL C 74 -24.93 33.68 13.13
CA VAL C 74 -24.27 34.91 13.58
C VAL C 74 -24.12 35.86 12.38
N LEU C 75 -23.71 35.32 11.24
CA LEU C 75 -23.56 36.13 10.05
C LEU C 75 -24.92 36.67 9.60
N LYS C 76 -25.92 35.77 9.56
CA LYS C 76 -27.30 36.11 9.20
C LYS C 76 -27.77 37.34 9.96
N GLN C 77 -27.33 37.49 11.23
CA GLN C 77 -27.85 38.51 12.12
C GLN C 77 -26.97 39.75 12.13
N ALA C 78 -25.79 39.63 11.51
CA ALA C 78 -24.93 40.78 11.32
C ALA C 78 -25.46 41.61 10.17
N PHE C 79 -25.98 42.81 10.48
CA PHE C 79 -26.38 43.73 9.43
C PHE C 79 -25.90 45.13 9.79
N GLY C 80 -24.85 45.22 10.61
CA GLY C 80 -24.22 46.50 10.90
C GLY C 80 -23.50 47.10 9.68
N GLU C 81 -23.67 46.47 8.50
CA GLU C 81 -23.28 47.02 7.20
C GLU C 81 -21.77 46.95 6.99
N LYS C 82 -21.01 46.58 8.03
CA LYS C 82 -19.70 45.97 7.83
C LYS C 82 -19.62 44.66 8.61
N ILE C 83 -18.94 43.66 8.00
CA ILE C 83 -18.62 42.39 8.63
C ILE C 83 -17.10 42.20 8.55
N THR C 84 -16.43 42.13 9.72
CA THR C 84 -15.00 41.80 9.78
C THR C 84 -14.80 40.32 10.09
N MET C 85 -13.91 39.67 9.33
CA MET C 85 -13.52 38.29 9.59
C MET C 85 -12.01 38.22 9.66
N THR C 86 -11.48 37.49 10.66
CA THR C 86 -10.06 37.16 10.72
C THR C 86 -9.82 35.71 10.28
N ILE C 87 -8.89 35.56 9.33
CA ILE C 87 -8.76 34.36 8.52
C ILE C 87 -7.34 33.80 8.68
N ARG C 88 -7.23 32.47 8.71
CA ARG C 88 -5.98 31.79 8.46
C ARG C 88 -6.10 31.01 7.17
N ASP C 89 -5.05 31.06 6.35
CA ASP C 89 -5.13 30.66 4.96
C ASP C 89 -5.01 29.15 4.83
N ARG C 90 -5.99 28.59 4.12
CA ARG C 90 -6.07 27.18 3.75
C ARG C 90 -5.19 26.26 4.59
N PRO C 91 -5.43 26.17 5.92
CA PRO C 91 -4.52 25.52 6.86
C PRO C 91 -4.30 24.02 6.69
N PHE C 92 -5.21 23.38 5.96
CA PHE C 92 -5.14 21.95 5.74
C PHE C 92 -4.58 21.63 4.37
N GLU C 93 -4.11 22.64 3.62
CA GLU C 93 -3.72 22.41 2.25
C GLU C 93 -2.26 22.83 2.05
N ARG C 94 -1.63 22.20 1.04
N ARG C 94 -1.61 22.22 1.04
CA ARG C 94 -0.27 22.48 0.59
CA ARG C 94 -0.27 22.53 0.61
C ARG C 94 -0.28 22.61 -0.94
C ARG C 94 -0.24 22.59 -0.92
N THR C 95 0.61 23.46 -1.48
CA THR C 95 0.78 23.58 -2.91
C THR C 95 2.09 22.93 -3.33
N ILE C 96 2.02 22.16 -4.43
CA ILE C 96 3.14 21.46 -5.02
C ILE C 96 3.29 21.96 -6.46
N THR C 97 4.52 22.36 -6.85
CA THR C 97 4.82 22.74 -8.22
C THR C 97 5.57 21.63 -8.95
N MET C 98 5.18 21.41 -10.22
CA MET C 98 5.69 20.32 -11.03
C MET C 98 5.89 20.83 -12.46
N HIS C 99 6.75 20.15 -13.23
CA HIS C 99 7.05 20.56 -14.60
C HIS C 99 6.60 19.43 -15.53
N LYS C 100 6.04 19.77 -16.68
CA LYS C 100 5.63 18.74 -17.61
C LYS C 100 6.86 18.08 -18.24
N ASP C 101 6.74 16.77 -18.48
CA ASP C 101 7.72 16.00 -19.25
C ASP C 101 7.60 16.38 -20.73
N SER C 102 8.32 15.65 -21.59
CA SER C 102 8.28 15.90 -23.02
C SER C 102 6.86 15.79 -23.58
N THR C 103 6.18 14.68 -23.27
CA THR C 103 4.87 14.37 -23.84
C THR C 103 3.79 15.24 -23.23
N GLY C 104 4.11 16.00 -22.18
CA GLY C 104 3.18 16.98 -21.62
C GLY C 104 2.41 16.44 -20.41
N HIS C 105 2.99 15.42 -19.76
CA HIS C 105 2.45 14.82 -18.54
C HIS C 105 3.15 15.40 -17.31
N VAL C 106 2.49 15.29 -16.16
CA VAL C 106 2.99 15.77 -14.88
C VAL C 106 3.47 14.60 -14.01
N GLY C 107 2.64 13.54 -13.96
CA GLY C 107 3.04 12.21 -13.55
C GLY C 107 2.14 11.60 -12.48
N PHE C 108 0.83 11.80 -12.58
CA PHE C 108 -0.08 11.16 -11.64
C PHE C 108 -1.42 10.82 -12.30
N ILE C 109 -2.25 10.11 -11.52
CA ILE C 109 -3.52 9.55 -11.93
C ILE C 109 -4.52 9.90 -10.83
N PHE C 110 -5.75 10.23 -11.21
CA PHE C 110 -6.72 10.75 -10.25
C PHE C 110 -8.14 10.38 -10.65
N LYS C 111 -9.03 10.28 -9.65
CA LYS C 111 -10.41 9.86 -9.83
C LYS C 111 -11.26 10.60 -8.81
N ASN C 112 -12.40 11.15 -9.22
CA ASN C 112 -13.15 12.11 -8.41
C ASN C 112 -12.28 13.25 -7.88
N GLY C 113 -11.17 13.55 -8.58
CA GLY C 113 -10.30 14.66 -8.21
C GLY C 113 -9.38 14.33 -7.04
N LYS C 114 -9.13 13.02 -6.84
CA LYS C 114 -8.31 12.48 -5.78
C LYS C 114 -7.14 11.71 -6.38
N ILE C 115 -5.90 12.06 -6.00
CA ILE C 115 -4.74 11.41 -6.60
C ILE C 115 -4.66 9.96 -6.13
N THR C 116 -4.39 9.01 -7.06
CA THR C 116 -4.46 7.60 -6.73
C THR C 116 -3.22 6.83 -7.14
N SER C 117 -2.32 7.44 -7.93
CA SER C 117 -1.01 6.85 -8.16
C SER C 117 -0.03 7.87 -8.72
N ILE C 118 1.27 7.63 -8.52
CA ILE C 118 2.34 8.50 -8.95
C ILE C 118 3.21 7.72 -9.91
N VAL C 119 3.53 8.34 -11.05
CA VAL C 119 4.31 7.67 -12.07
C VAL C 119 5.77 7.72 -11.64
N LYS C 120 6.47 6.60 -11.79
CA LYS C 120 7.88 6.55 -11.48
C LYS C 120 8.61 7.60 -12.32
N ASP C 121 9.50 8.36 -11.67
CA ASP C 121 10.38 9.30 -12.34
C ASP C 121 9.59 10.33 -13.14
N SER C 122 8.48 10.79 -12.58
CA SER C 122 7.81 11.99 -13.05
C SER C 122 8.15 13.16 -12.12
N SER C 123 7.74 14.36 -12.51
CA SER C 123 7.86 15.54 -11.66
C SER C 123 7.00 15.37 -10.41
N ALA C 124 5.86 14.70 -10.56
CA ALA C 124 5.05 14.29 -9.42
C ALA C 124 5.91 13.64 -8.34
N ALA C 125 6.62 12.58 -8.74
CA ALA C 125 7.44 11.81 -7.82
C ALA C 125 8.60 12.63 -7.26
N ARG C 126 9.29 13.43 -8.10
CA ARG C 126 10.50 14.12 -7.68
C ARG C 126 10.17 15.13 -6.61
N ASN C 127 8.96 15.72 -6.72
CA ASN C 127 8.47 16.70 -5.76
C ASN C 127 7.58 16.04 -4.69
N GLY C 128 7.46 14.71 -4.67
CA GLY C 128 6.84 13.99 -3.57
C GLY C 128 5.35 14.34 -3.38
N LEU C 129 4.62 14.44 -4.50
CA LEU C 129 3.17 14.46 -4.51
C LEU C 129 2.64 13.17 -3.87
N LEU C 130 1.50 13.23 -3.21
CA LEU C 130 1.01 12.09 -2.46
C LEU C 130 -0.36 11.61 -2.98
N THR C 131 -0.65 10.32 -2.74
CA THR C 131 -1.96 9.76 -3.01
C THR C 131 -2.86 10.01 -1.82
N GLU C 132 -4.16 9.74 -2.01
CA GLU C 132 -5.17 9.98 -0.99
C GLU C 132 -5.25 11.48 -0.66
N HIS C 133 -5.00 12.32 -1.67
CA HIS C 133 -5.20 13.75 -1.51
C HIS C 133 -6.17 14.27 -2.58
N ASN C 134 -7.08 15.15 -2.17
CA ASN C 134 -7.97 15.82 -3.09
C ASN C 134 -7.32 17.09 -3.65
N ILE C 135 -7.40 17.25 -4.98
CA ILE C 135 -7.03 18.47 -5.71
C ILE C 135 -8.08 19.52 -5.41
N CYS C 136 -7.66 20.62 -4.77
CA CYS C 136 -8.55 21.71 -4.44
C CYS C 136 -8.43 22.83 -5.47
N GLU C 137 -7.18 23.06 -5.90
CA GLU C 137 -6.85 24.13 -6.82
C GLU C 137 -5.84 23.65 -7.83
N ILE C 138 -5.81 24.34 -8.99
CA ILE C 138 -4.77 24.24 -9.99
C ILE C 138 -4.36 25.66 -10.41
N ASN C 139 -3.08 25.98 -10.25
CA ASN C 139 -2.52 27.31 -10.44
C ASN C 139 -3.43 28.39 -9.86
N GLY C 140 -3.90 28.19 -8.62
CA GLY C 140 -4.72 29.20 -7.97
C GLY C 140 -6.20 29.10 -8.33
N GLN C 141 -6.57 28.17 -9.21
CA GLN C 141 -7.97 28.08 -9.62
C GLN C 141 -8.61 26.88 -8.91
N ASN C 142 -9.59 27.16 -8.04
CA ASN C 142 -10.44 26.18 -7.36
C ASN C 142 -11.15 25.29 -8.38
N VAL C 143 -10.86 23.99 -8.38
CA VAL C 143 -11.55 23.07 -9.27
C VAL C 143 -12.47 22.14 -8.49
N ILE C 144 -13.08 22.62 -7.41
CA ILE C 144 -13.86 21.72 -6.56
C ILE C 144 -15.28 21.61 -7.10
N GLY C 145 -15.57 20.45 -7.68
CA GLY C 145 -16.83 20.18 -8.36
C GLY C 145 -16.58 19.71 -9.79
N LEU C 146 -15.76 20.46 -10.51
CA LEU C 146 -15.40 20.15 -11.90
C LEU C 146 -15.07 18.66 -12.03
N LYS C 147 -15.39 18.08 -13.18
CA LYS C 147 -15.33 16.63 -13.37
C LYS C 147 -13.95 16.23 -13.85
N ASP C 148 -13.65 14.94 -13.82
CA ASP C 148 -12.30 14.50 -14.10
C ASP C 148 -11.87 14.96 -15.49
N SER C 149 -12.85 15.10 -16.40
CA SER C 149 -12.56 15.58 -17.75
C SER C 149 -12.27 17.08 -17.71
N GLN C 150 -13.07 17.85 -16.95
CA GLN C 150 -12.91 19.28 -16.87
C GLN C 150 -11.54 19.59 -16.25
N ILE C 151 -11.29 18.96 -15.10
CA ILE C 151 -10.04 19.08 -14.37
C ILE C 151 -8.86 18.81 -15.30
N ALA C 152 -8.94 17.74 -16.09
CA ALA C 152 -7.82 17.31 -16.91
C ALA C 152 -7.56 18.30 -18.06
N ASP C 153 -8.60 19.02 -18.47
CA ASP C 153 -8.49 19.96 -19.58
C ASP C 153 -7.70 21.18 -19.13
N ILE C 154 -7.99 21.62 -17.91
CA ILE C 154 -7.24 22.66 -17.21
C ILE C 154 -5.79 22.20 -17.07
N LEU C 155 -5.58 20.93 -16.70
CA LEU C 155 -4.22 20.40 -16.64
C LEU C 155 -3.57 20.53 -18.01
N SER C 156 -4.29 20.13 -19.06
CA SER C 156 -3.79 20.25 -20.42
C SER C 156 -3.43 21.68 -20.75
N THR C 157 -4.36 22.62 -20.50
CA THR C 157 -4.24 24.02 -20.91
C THR C 157 -3.46 24.85 -19.88
N SER C 158 -2.87 24.21 -18.86
CA SER C 158 -1.84 24.86 -18.07
C SER C 158 -0.53 24.78 -18.84
N GLY C 159 0.50 25.46 -18.33
CA GLY C 159 1.77 25.51 -19.03
C GLY C 159 2.68 24.35 -18.66
N THR C 160 4.00 24.57 -18.82
CA THR C 160 5.01 23.65 -18.34
C THR C 160 4.91 23.49 -16.82
N VAL C 161 4.93 24.63 -16.13
CA VAL C 161 4.94 24.70 -14.68
C VAL C 161 3.50 24.60 -14.16
N VAL C 162 3.23 23.55 -13.40
CA VAL C 162 1.90 23.30 -12.90
C VAL C 162 1.97 23.31 -11.38
N THR C 163 1.17 24.15 -10.74
CA THR C 163 1.04 24.18 -9.29
C THR C 163 -0.33 23.65 -8.85
N ILE C 164 -0.36 22.66 -7.95
CA ILE C 164 -1.59 22.01 -7.49
C ILE C 164 -1.76 22.23 -5.98
N THR C 165 -2.94 22.66 -5.53
CA THR C 165 -3.18 22.74 -4.11
C THR C 165 -3.93 21.49 -3.68
N ILE C 166 -3.36 20.74 -2.73
CA ILE C 166 -3.92 19.47 -2.31
C ILE C 166 -4.23 19.50 -0.81
N MET C 167 -5.12 18.59 -0.44
CA MET C 167 -5.68 18.45 0.90
C MET C 167 -5.88 16.97 1.18
N PRO C 168 -5.44 16.45 2.35
CA PRO C 168 -5.65 15.03 2.71
C PRO C 168 -7.11 14.60 2.47
N ALA C 169 -7.32 13.45 1.82
CA ALA C 169 -8.66 13.08 1.39
C ALA C 169 -9.67 13.11 2.55
N PHE C 170 -9.24 12.70 3.75
N PHE C 170 -9.25 12.67 3.74
CA PHE C 170 -10.19 12.46 4.82
CA PHE C 170 -10.18 12.46 4.86
C PHE C 170 -10.63 13.79 5.43
C PHE C 170 -10.65 13.80 5.40
N ILE C 171 -9.85 14.85 5.22
CA ILE C 171 -10.18 16.16 5.74
C ILE C 171 -11.10 16.83 4.72
N PHE C 172 -10.87 16.47 3.46
CA PHE C 172 -11.66 16.96 2.35
C PHE C 172 -13.09 16.44 2.47
N GLU C 173 -13.20 15.12 2.65
CA GLU C 173 -14.49 14.48 2.84
C GLU C 173 -15.23 15.08 4.04
N HIS C 174 -14.50 15.42 5.11
CA HIS C 174 -15.18 15.90 6.29
C HIS C 174 -15.79 17.27 6.00
N ILE C 175 -15.02 18.11 5.30
CA ILE C 175 -15.43 19.48 5.05
C ILE C 175 -16.67 19.53 4.17
N ILE C 176 -16.82 18.61 3.20
CA ILE C 176 -17.86 18.75 2.19
C ILE C 176 -19.16 18.08 2.63
N LYS C 177 -19.16 17.41 3.80
CA LYS C 177 -20.38 17.08 4.54
C LYS C 177 -21.23 18.34 4.69
N ARG C 178 -22.56 18.13 4.86
CA ARG C 178 -23.56 19.18 5.01
C ARG C 178 -23.82 19.85 3.66
N MET C 179 -23.46 19.15 2.57
CA MET C 179 -23.49 19.73 1.26
C MET C 179 -23.65 18.62 0.23
N ALA C 180 -24.65 18.78 -0.64
CA ALA C 180 -24.95 17.77 -1.63
C ALA C 180 -24.11 18.04 -2.88
N PRO C 181 -23.56 16.99 -3.52
CA PRO C 181 -22.75 17.17 -4.73
C PRO C 181 -23.34 18.11 -5.80
N SER C 182 -24.67 18.15 -5.90
CA SER C 182 -25.36 18.98 -6.89
C SER C 182 -25.12 20.46 -6.61
N ILE C 183 -25.21 20.85 -5.33
CA ILE C 183 -25.10 22.23 -4.88
C ILE C 183 -23.65 22.69 -4.99
N MET C 184 -22.72 21.75 -4.74
CA MET C 184 -21.29 22.05 -4.67
C MET C 184 -20.80 22.46 -6.05
N LYS C 185 -21.18 21.67 -7.06
CA LYS C 185 -20.75 21.89 -8.43
C LYS C 185 -21.29 23.20 -8.98
N SER C 186 -22.53 23.56 -8.60
CA SER C 186 -23.24 24.66 -9.24
C SER C 186 -22.82 25.99 -8.64
N LEU C 187 -22.54 26.01 -7.33
CA LEU C 187 -22.31 27.26 -6.63
C LEU C 187 -20.82 27.54 -6.47
N MET C 188 -19.98 26.50 -6.41
CA MET C 188 -18.60 26.66 -6.00
C MET C 188 -17.84 27.57 -6.96
N ASP C 189 -17.36 28.69 -6.41
CA ASP C 189 -16.55 29.65 -7.12
C ASP C 189 -15.39 28.95 -7.84
N HIS C 190 -15.24 29.20 -9.16
CA HIS C 190 -14.16 28.66 -9.97
C HIS C 190 -13.50 29.78 -10.78
N THR C 191 -13.67 31.02 -10.31
CA THR C 191 -13.14 32.22 -10.93
C THR C 191 -11.65 32.08 -11.19
N ILE C 192 -11.17 32.64 -12.29
CA ILE C 192 -9.79 33.04 -12.41
C ILE C 192 -9.72 34.52 -12.07
N PRO C 193 -9.14 34.91 -10.91
CA PRO C 193 -9.40 36.23 -10.36
C PRO C 193 -8.63 37.31 -11.12
N GLU C 194 -7.32 37.08 -11.26
CA GLU C 194 -6.41 38.02 -11.89
C GLU C 194 -5.48 37.20 -12.77
N VAL C 195 -5.06 37.80 -13.89
CA VAL C 195 -4.27 37.08 -14.86
C VAL C 195 -2.93 37.81 -15.05
N ILE D 5 -13.14 -8.96 -37.72
CA ILE D 5 -14.08 -10.06 -38.14
C ILE D 5 -14.23 -9.99 -39.66
N LYS D 6 -13.66 -10.98 -40.36
CA LYS D 6 -13.64 -11.00 -41.82
C LYS D 6 -14.78 -11.87 -42.33
N GLN D 7 -15.63 -11.29 -43.21
CA GLN D 7 -16.66 -12.05 -43.90
C GLN D 7 -15.98 -13.03 -44.87
N GLY D 8 -16.74 -14.02 -45.33
CA GLY D 8 -16.14 -15.14 -46.04
C GLY D 8 -15.63 -16.20 -45.06
N ILE D 9 -15.10 -17.28 -45.67
CA ILE D 9 -15.00 -18.58 -45.03
C ILE D 9 -13.53 -19.02 -45.02
N ARG D 10 -13.04 -19.48 -43.87
CA ARG D 10 -11.63 -19.80 -43.71
C ARG D 10 -11.42 -21.30 -43.48
N GLU D 11 -10.88 -21.99 -44.50
CA GLU D 11 -10.37 -23.35 -44.37
C GLU D 11 -9.13 -23.39 -43.48
N VAL D 12 -9.06 -24.40 -42.62
CA VAL D 12 -7.87 -24.65 -41.83
C VAL D 12 -7.55 -26.15 -41.83
N ILE D 13 -6.26 -26.43 -41.57
CA ILE D 13 -5.69 -27.76 -41.58
C ILE D 13 -4.82 -27.88 -40.34
N LEU D 14 -5.20 -28.79 -39.43
CA LEU D 14 -4.46 -28.96 -38.19
C LEU D 14 -4.27 -30.45 -37.93
N CYS D 15 -3.53 -30.74 -36.85
CA CYS D 15 -3.17 -32.10 -36.47
C CYS D 15 -3.40 -32.26 -34.98
N LYS D 16 -3.73 -33.48 -34.57
CA LYS D 16 -3.96 -33.77 -33.16
C LYS D 16 -2.67 -33.60 -32.38
N ASP D 17 -2.77 -33.23 -31.10
CA ASP D 17 -1.63 -33.26 -30.20
C ASP D 17 -1.38 -34.73 -29.85
N GLN D 18 -0.52 -35.00 -28.86
CA GLN D 18 -0.08 -36.37 -28.59
C GLN D 18 -1.14 -37.15 -27.81
N ASP D 19 -2.08 -36.45 -27.15
CA ASP D 19 -3.18 -37.11 -26.44
C ASP D 19 -4.39 -37.33 -27.35
N GLY D 20 -4.27 -36.92 -28.63
CA GLY D 20 -5.33 -37.09 -29.62
C GLY D 20 -6.30 -35.91 -29.66
N LYS D 21 -5.88 -34.78 -29.07
CA LYS D 21 -6.73 -33.61 -28.88
C LYS D 21 -6.52 -32.62 -30.01
N ILE D 22 -7.54 -31.81 -30.28
CA ILE D 22 -7.35 -30.62 -31.08
C ILE D 22 -7.54 -29.36 -30.23
N GLY D 23 -8.06 -29.52 -29.00
CA GLY D 23 -8.27 -28.40 -28.09
C GLY D 23 -9.47 -27.52 -28.50
N LEU D 24 -10.67 -28.14 -28.57
CA LEU D 24 -11.93 -27.50 -28.92
C LEU D 24 -13.05 -28.01 -28.04
N ARG D 25 -14.06 -27.16 -27.85
CA ARG D 25 -15.41 -27.62 -27.56
C ARG D 25 -16.40 -27.04 -28.54
N LEU D 26 -17.54 -27.73 -28.67
CA LEU D 26 -18.52 -27.32 -29.65
C LEU D 26 -19.90 -27.25 -29.02
N LYS D 27 -20.74 -26.38 -29.59
CA LYS D 27 -22.10 -26.27 -29.13
C LYS D 27 -23.01 -26.18 -30.35
N SER D 28 -24.17 -26.89 -30.30
CA SER D 28 -25.19 -26.82 -31.34
C SER D 28 -25.98 -25.55 -31.10
N ILE D 29 -26.08 -24.70 -32.12
CA ILE D 29 -26.90 -23.50 -32.03
C ILE D 29 -27.58 -23.28 -33.36
N ASP D 30 -28.92 -23.18 -33.32
CA ASP D 30 -29.73 -22.85 -34.49
C ASP D 30 -29.34 -23.75 -35.68
N ASN D 31 -29.03 -25.03 -35.38
CA ASN D 31 -28.66 -26.06 -36.35
C ASN D 31 -27.27 -25.84 -36.94
N GLY D 32 -26.51 -24.96 -36.29
CA GLY D 32 -25.12 -24.78 -36.63
C GLY D 32 -24.26 -25.43 -35.57
N ILE D 33 -22.96 -25.49 -35.81
CA ILE D 33 -22.01 -25.86 -34.78
C ILE D 33 -21.07 -24.67 -34.56
N PHE D 34 -20.87 -24.33 -33.27
CA PHE D 34 -20.06 -23.19 -32.88
C PHE D 34 -19.01 -23.57 -31.83
N VAL D 35 -17.85 -22.91 -31.88
CA VAL D 35 -16.78 -23.07 -30.90
C VAL D 35 -17.21 -22.38 -29.59
N GLN D 36 -17.57 -23.20 -28.61
CA GLN D 36 -17.76 -22.74 -27.25
C GLN D 36 -16.43 -22.56 -26.51
N LEU D 37 -15.31 -23.10 -27.08
CA LEU D 37 -14.00 -23.02 -26.43
C LEU D 37 -12.83 -23.28 -27.39
N VAL D 38 -11.83 -22.37 -27.35
CA VAL D 38 -10.51 -22.64 -27.87
C VAL D 38 -9.57 -22.76 -26.68
N GLN D 39 -8.84 -23.89 -26.58
CA GLN D 39 -7.89 -24.11 -25.49
C GLN D 39 -6.57 -23.35 -25.72
N ALA D 40 -6.05 -22.82 -24.61
CA ALA D 40 -4.72 -22.24 -24.54
C ALA D 40 -3.70 -23.27 -25.04
N ASN D 41 -2.97 -22.88 -26.10
CA ASN D 41 -1.82 -23.64 -26.57
C ASN D 41 -2.24 -24.71 -27.59
N SER D 42 -3.54 -25.07 -27.61
CA SER D 42 -4.06 -26.14 -28.43
C SER D 42 -3.66 -26.00 -29.90
N PRO D 43 -3.65 -27.12 -30.64
CA PRO D 43 -3.46 -27.06 -32.10
C PRO D 43 -4.53 -26.22 -32.79
N ALA D 44 -5.73 -26.22 -32.21
CA ALA D 44 -6.82 -25.35 -32.64
C ALA D 44 -6.36 -23.90 -32.63
N SER D 45 -5.95 -23.40 -31.44
CA SER D 45 -5.41 -22.06 -31.30
C SER D 45 -4.40 -21.78 -32.42
N LEU D 46 -3.27 -22.50 -32.40
CA LEU D 46 -2.12 -22.18 -33.24
C LEU D 46 -2.52 -21.98 -34.71
N VAL D 47 -3.60 -22.62 -35.22
CA VAL D 47 -4.03 -22.36 -36.59
C VAL D 47 -5.03 -21.20 -36.67
N GLY D 48 -5.57 -20.72 -35.54
CA GLY D 48 -6.34 -19.48 -35.55
C GLY D 48 -7.86 -19.65 -35.44
N LEU D 49 -8.29 -20.71 -34.74
CA LEU D 49 -9.68 -20.83 -34.31
C LEU D 49 -9.86 -19.93 -33.09
N ARG D 50 -11.08 -19.39 -32.93
CA ARG D 50 -11.45 -18.56 -31.78
C ARG D 50 -12.89 -18.88 -31.34
N PHE D 51 -13.17 -18.57 -30.06
CA PHE D 51 -14.47 -18.78 -29.44
C PHE D 51 -15.58 -18.11 -30.26
N GLY D 52 -16.73 -18.79 -30.33
CA GLY D 52 -17.87 -18.32 -31.10
C GLY D 52 -17.71 -18.51 -32.61
N ASP D 53 -16.60 -19.13 -33.06
CA ASP D 53 -16.48 -19.40 -34.49
C ASP D 53 -17.45 -20.53 -34.84
N GLN D 54 -17.85 -20.56 -36.11
CA GLN D 54 -18.73 -21.57 -36.64
C GLN D 54 -17.93 -22.57 -37.47
N VAL D 55 -18.13 -23.86 -37.14
CA VAL D 55 -17.57 -24.97 -37.93
C VAL D 55 -18.59 -25.39 -38.98
N LEU D 56 -18.29 -25.07 -40.24
CA LEU D 56 -19.15 -25.50 -41.33
C LEU D 56 -18.88 -26.97 -41.61
N GLN D 57 -17.97 -27.24 -42.56
CA GLN D 57 -17.56 -28.59 -42.90
C GLN D 57 -16.55 -29.06 -41.86
N ILE D 58 -16.53 -30.39 -41.63
CA ILE D 58 -15.33 -31.08 -41.17
C ILE D 58 -15.03 -32.19 -42.18
N ASN D 59 -13.73 -32.24 -42.55
CA ASN D 59 -13.21 -33.19 -43.51
C ASN D 59 -14.16 -33.29 -44.70
N GLY D 60 -14.75 -32.16 -45.10
CA GLY D 60 -15.63 -32.15 -46.27
C GLY D 60 -17.09 -32.36 -45.89
N GLU D 61 -17.32 -32.96 -44.71
CA GLU D 61 -18.64 -33.35 -44.23
C GLU D 61 -19.30 -32.19 -43.48
N ASN D 62 -20.53 -31.86 -43.89
CA ASN D 62 -21.29 -30.74 -43.33
C ASN D 62 -21.68 -31.03 -41.89
N CYS D 63 -21.71 -29.97 -41.07
CA CYS D 63 -22.02 -30.09 -39.66
C CYS D 63 -23.46 -29.65 -39.39
N ALA D 64 -24.16 -29.29 -40.46
CA ALA D 64 -25.47 -28.69 -40.39
C ALA D 64 -26.45 -29.70 -39.78
N GLY D 65 -26.76 -29.50 -38.50
CA GLY D 65 -27.82 -30.24 -37.84
C GLY D 65 -27.29 -31.16 -36.76
N TRP D 66 -25.96 -31.28 -36.67
CA TRP D 66 -25.39 -32.19 -35.69
C TRP D 66 -25.67 -31.66 -34.30
N SER D 67 -25.92 -32.59 -33.37
CA SER D 67 -25.95 -32.28 -31.97
C SER D 67 -24.53 -31.96 -31.51
N SER D 68 -24.41 -31.53 -30.26
CA SER D 68 -23.12 -31.29 -29.63
C SER D 68 -22.31 -32.58 -29.62
N ASP D 69 -22.94 -33.66 -29.10
CA ASP D 69 -22.33 -34.97 -28.92
C ASP D 69 -21.72 -35.51 -30.22
N LYS D 70 -22.46 -35.34 -31.31
CA LYS D 70 -22.09 -35.91 -32.58
C LYS D 70 -20.84 -35.21 -33.12
N ALA D 71 -20.83 -33.86 -33.03
CA ALA D 71 -19.74 -33.10 -33.62
C ALA D 71 -18.43 -33.44 -32.90
N HIS D 72 -18.49 -33.67 -31.59
CA HIS D 72 -17.37 -34.16 -30.81
C HIS D 72 -16.85 -35.46 -31.43
N LYS D 73 -17.75 -36.43 -31.59
CA LYS D 73 -17.34 -37.78 -31.93
C LYS D 73 -16.73 -37.76 -33.33
N VAL D 74 -17.39 -37.10 -34.28
CA VAL D 74 -16.85 -37.00 -35.62
C VAL D 74 -15.39 -36.53 -35.55
N LEU D 75 -15.00 -35.81 -34.47
CA LEU D 75 -13.63 -35.32 -34.31
C LEU D 75 -12.80 -36.32 -33.51
N LYS D 76 -13.33 -36.83 -32.40
CA LYS D 76 -12.61 -37.83 -31.63
C LYS D 76 -12.10 -38.94 -32.57
N GLN D 77 -12.98 -39.48 -33.42
CA GLN D 77 -12.69 -40.64 -34.24
C GLN D 77 -12.06 -40.27 -35.59
N ALA D 78 -11.63 -39.02 -35.76
CA ALA D 78 -10.83 -38.65 -36.92
C ALA D 78 -9.40 -39.16 -36.71
N PHE D 79 -8.69 -39.37 -37.82
CA PHE D 79 -7.32 -39.89 -37.78
C PHE D 79 -6.36 -38.85 -37.23
N GLY D 80 -5.34 -39.31 -36.49
CA GLY D 80 -4.34 -38.46 -35.87
C GLY D 80 -3.77 -37.39 -36.81
N GLU D 81 -3.89 -37.64 -38.12
CA GLU D 81 -3.28 -36.82 -39.15
C GLU D 81 -4.09 -35.55 -39.35
N LYS D 82 -4.40 -35.22 -40.62
CA LYS D 82 -4.83 -33.89 -41.04
C LYS D 82 -6.35 -33.75 -41.05
N ILE D 83 -6.84 -32.74 -40.31
CA ILE D 83 -8.25 -32.38 -40.22
C ILE D 83 -8.46 -31.07 -40.97
N THR D 84 -9.29 -31.07 -42.03
CA THR D 84 -9.69 -29.84 -42.69
C THR D 84 -10.98 -29.32 -42.07
N MET D 85 -10.93 -28.06 -41.63
CA MET D 85 -12.06 -27.40 -40.99
C MET D 85 -12.38 -26.11 -41.72
N THR D 86 -13.35 -26.20 -42.64
CA THR D 86 -13.97 -25.02 -43.24
C THR D 86 -14.71 -24.28 -42.12
N ILE D 87 -14.49 -22.96 -42.03
CA ILE D 87 -14.85 -22.17 -40.85
C ILE D 87 -15.41 -20.81 -41.26
N ARG D 88 -16.48 -20.40 -40.55
CA ARG D 88 -17.02 -19.05 -40.71
C ARG D 88 -16.62 -18.25 -39.49
N ASP D 89 -16.17 -17.02 -39.78
CA ASP D 89 -15.52 -16.16 -38.80
C ASP D 89 -16.55 -15.46 -37.91
N ARG D 90 -16.44 -15.77 -36.61
CA ARG D 90 -17.19 -15.18 -35.51
C ARG D 90 -18.47 -14.49 -35.98
N PRO D 91 -19.48 -15.29 -36.38
CA PRO D 91 -20.70 -14.76 -37.00
C PRO D 91 -21.70 -14.09 -36.06
N PHE D 92 -21.69 -14.43 -34.77
CA PHE D 92 -22.56 -13.81 -33.78
C PHE D 92 -21.90 -12.68 -32.99
N GLU D 93 -20.81 -12.09 -33.52
CA GLU D 93 -20.02 -11.10 -32.78
C GLU D 93 -19.74 -9.88 -33.66
N ARG D 94 -19.55 -8.72 -33.01
CA ARG D 94 -19.18 -7.49 -33.70
C ARG D 94 -18.08 -6.79 -32.91
N THR D 95 -17.23 -6.01 -33.60
CA THR D 95 -16.18 -5.27 -32.91
C THR D 95 -16.42 -3.77 -33.05
N ILE D 96 -16.24 -3.03 -31.95
CA ILE D 96 -16.42 -1.59 -31.96
C ILE D 96 -15.08 -0.91 -31.65
N THR D 97 -14.60 -0.04 -32.56
CA THR D 97 -13.42 0.79 -32.32
C THR D 97 -13.81 2.06 -31.52
N MET D 98 -13.27 2.18 -30.29
CA MET D 98 -13.38 3.38 -29.46
C MET D 98 -12.00 4.02 -29.21
N HIS D 99 -11.96 5.34 -29.05
CA HIS D 99 -10.79 6.04 -28.52
C HIS D 99 -11.07 6.51 -27.10
N LYS D 100 -10.05 6.44 -26.25
CA LYS D 100 -10.20 6.69 -24.82
C LYS D 100 -10.20 8.21 -24.57
N ASP D 101 -10.85 8.67 -23.49
CA ASP D 101 -10.98 10.11 -23.29
C ASP D 101 -9.72 10.61 -22.60
N SER D 102 -9.84 11.74 -21.87
CA SER D 102 -8.72 12.32 -21.15
C SER D 102 -8.49 11.58 -19.82
N THR D 103 -9.51 10.89 -19.31
CA THR D 103 -9.35 10.11 -18.08
C THR D 103 -9.24 8.61 -18.39
N GLY D 104 -8.60 8.25 -19.52
CA GLY D 104 -8.36 6.86 -19.90
C GLY D 104 -9.60 6.06 -20.37
N HIS D 105 -10.80 6.67 -20.27
CA HIS D 105 -12.07 5.95 -20.37
C HIS D 105 -12.62 5.95 -21.80
N VAL D 106 -13.61 5.07 -22.00
CA VAL D 106 -14.35 4.97 -23.24
C VAL D 106 -15.85 5.11 -22.95
N GLY D 107 -16.32 4.80 -21.73
CA GLY D 107 -17.63 5.24 -21.27
C GLY D 107 -18.73 4.17 -21.31
N PHE D 108 -18.69 3.22 -20.36
CA PHE D 108 -19.81 2.31 -20.13
C PHE D 108 -19.67 1.59 -18.79
N ILE D 109 -20.79 1.11 -18.25
CA ILE D 109 -20.82 0.40 -16.99
C ILE D 109 -21.15 -1.07 -17.27
N PHE D 110 -20.10 -1.92 -17.20
CA PHE D 110 -20.18 -3.33 -17.58
C PHE D 110 -20.05 -4.24 -16.36
N LYS D 111 -20.91 -5.28 -16.34
CA LYS D 111 -21.02 -6.22 -15.24
C LYS D 111 -21.14 -7.67 -15.75
N ASN D 112 -20.57 -8.61 -15.00
CA ASN D 112 -20.53 -10.02 -15.37
C ASN D 112 -20.19 -10.12 -16.85
N GLY D 113 -19.26 -9.26 -17.29
CA GLY D 113 -18.87 -9.12 -18.69
C GLY D 113 -19.96 -8.63 -19.66
N LYS D 114 -21.12 -8.24 -19.13
CA LYS D 114 -22.24 -7.79 -19.96
C LYS D 114 -22.45 -6.28 -19.79
N ILE D 115 -22.35 -5.50 -20.88
CA ILE D 115 -22.52 -4.04 -20.86
C ILE D 115 -23.94 -3.67 -20.45
N THR D 116 -24.08 -2.66 -19.57
CA THR D 116 -25.36 -2.38 -18.92
C THR D 116 -25.74 -0.90 -18.91
N SER D 117 -24.79 0.03 -19.14
CA SER D 117 -25.19 1.40 -19.42
C SER D 117 -24.13 2.06 -20.28
N ILE D 118 -24.58 2.95 -21.17
CA ILE D 118 -23.68 3.77 -21.96
C ILE D 118 -23.71 5.17 -21.36
N VAL D 119 -22.55 5.85 -21.48
CA VAL D 119 -22.30 7.16 -20.92
C VAL D 119 -22.48 8.22 -22.00
N LYS D 120 -23.20 9.30 -21.65
CA LYS D 120 -23.45 10.45 -22.51
C LYS D 120 -22.16 11.07 -23.05
N ASP D 121 -22.15 11.26 -24.38
CA ASP D 121 -21.08 11.96 -25.07
C ASP D 121 -19.74 11.25 -24.83
N SER D 122 -19.79 9.94 -24.51
CA SER D 122 -18.60 9.09 -24.46
C SER D 122 -18.26 8.55 -25.85
N SER D 123 -17.09 7.93 -25.95
CA SER D 123 -16.67 7.28 -27.18
C SER D 123 -17.60 6.10 -27.47
N ALA D 124 -18.03 5.43 -26.40
CA ALA D 124 -19.01 4.36 -26.47
C ALA D 124 -20.32 4.85 -27.12
N ALA D 125 -20.88 5.95 -26.59
CA ALA D 125 -22.08 6.60 -27.12
C ALA D 125 -21.91 6.89 -28.60
N ARG D 126 -20.91 7.73 -28.93
CA ARG D 126 -20.59 8.09 -30.29
C ARG D 126 -20.53 6.89 -31.23
N ASN D 127 -19.92 5.78 -30.79
CA ASN D 127 -19.65 4.66 -31.68
C ASN D 127 -20.74 3.60 -31.57
N GLY D 128 -21.69 3.82 -30.64
CA GLY D 128 -22.96 3.11 -30.63
C GLY D 128 -22.85 1.70 -30.10
N LEU D 129 -22.13 1.58 -28.97
CA LEU D 129 -22.08 0.38 -28.15
C LEU D 129 -23.49 0.10 -27.63
N LEU D 130 -23.82 -1.17 -27.42
CA LEU D 130 -25.16 -1.58 -27.01
C LEU D 130 -25.07 -2.24 -25.64
N THR D 131 -26.15 -2.12 -24.86
CA THR D 131 -26.29 -2.88 -23.64
C THR D 131 -26.87 -4.25 -23.98
N GLU D 132 -27.06 -5.07 -22.94
CA GLU D 132 -27.35 -6.48 -23.12
C GLU D 132 -26.39 -7.11 -24.14
N HIS D 133 -25.08 -6.81 -24.06
CA HIS D 133 -24.12 -7.45 -24.95
C HIS D 133 -22.85 -7.81 -24.17
N ASN D 134 -22.45 -9.10 -24.24
CA ASN D 134 -21.30 -9.63 -23.52
C ASN D 134 -20.02 -9.36 -24.31
N ILE D 135 -18.90 -9.20 -23.57
CA ILE D 135 -17.60 -8.85 -24.15
C ILE D 135 -16.85 -10.13 -24.49
N CYS D 136 -16.30 -10.18 -25.70
CA CYS D 136 -15.71 -11.39 -26.26
C CYS D 136 -14.19 -11.24 -26.44
N GLU D 137 -13.75 -10.10 -27.02
CA GLU D 137 -12.35 -9.91 -27.39
C GLU D 137 -11.99 -8.43 -27.28
N ILE D 138 -10.73 -8.17 -26.93
CA ILE D 138 -10.19 -6.83 -26.73
C ILE D 138 -8.91 -6.73 -27.55
N ASN D 139 -9.01 -5.96 -28.65
CA ASN D 139 -7.96 -5.80 -29.65
C ASN D 139 -7.60 -7.15 -30.28
N GLY D 140 -8.63 -7.99 -30.51
CA GLY D 140 -8.45 -9.35 -31.02
C GLY D 140 -8.25 -10.42 -29.94
N GLN D 141 -8.16 -10.02 -28.63
CA GLN D 141 -7.78 -10.94 -27.56
C GLN D 141 -8.96 -11.44 -26.74
N ASN D 142 -9.19 -12.77 -26.73
CA ASN D 142 -10.30 -13.40 -26.01
C ASN D 142 -10.15 -13.13 -24.51
N VAL D 143 -11.28 -12.79 -23.88
CA VAL D 143 -11.31 -12.38 -22.49
C VAL D 143 -12.52 -13.01 -21.78
N ILE D 144 -13.08 -14.07 -22.39
CA ILE D 144 -14.29 -14.70 -21.88
C ILE D 144 -13.93 -15.59 -20.69
N GLY D 145 -14.66 -15.41 -19.58
CA GLY D 145 -14.43 -16.22 -18.39
C GLY D 145 -13.69 -15.47 -17.27
N LEU D 146 -12.78 -14.55 -17.65
CA LEU D 146 -12.04 -13.71 -16.68
C LEU D 146 -13.02 -12.89 -15.84
N LYS D 147 -12.47 -12.29 -14.79
CA LYS D 147 -13.18 -11.36 -13.90
C LYS D 147 -13.20 -9.96 -14.51
N ASP D 148 -14.15 -9.12 -14.08
CA ASP D 148 -14.33 -7.77 -14.66
C ASP D 148 -13.04 -6.96 -14.52
N SER D 149 -12.33 -7.19 -13.42
CA SER D 149 -11.15 -6.41 -13.09
C SER D 149 -10.04 -6.68 -14.11
N GLN D 150 -9.91 -7.94 -14.53
CA GLN D 150 -8.93 -8.32 -15.55
C GLN D 150 -9.33 -7.73 -16.90
N ILE D 151 -10.64 -7.59 -17.11
CA ILE D 151 -11.12 -6.92 -18.30
C ILE D 151 -10.81 -5.43 -18.14
N ALA D 152 -11.28 -4.82 -17.03
CA ALA D 152 -10.81 -3.49 -16.68
C ALA D 152 -9.35 -3.35 -17.13
N ASP D 153 -8.48 -4.27 -16.69
CA ASP D 153 -7.05 -4.12 -16.88
C ASP D 153 -6.65 -4.16 -18.35
N ILE D 154 -7.20 -5.11 -19.13
CA ILE D 154 -6.82 -5.29 -20.53
C ILE D 154 -7.20 -4.05 -21.35
N LEU D 155 -8.26 -3.33 -20.91
CA LEU D 155 -8.68 -2.08 -21.55
C LEU D 155 -7.63 -0.99 -21.28
N SER D 156 -7.16 -0.92 -20.03
CA SER D 156 -6.12 0.02 -19.64
C SER D 156 -4.96 -0.13 -20.60
N THR D 157 -4.39 -1.36 -20.64
CA THR D 157 -3.15 -1.64 -21.36
C THR D 157 -3.30 -1.47 -22.87
N SER D 158 -4.54 -1.27 -23.37
CA SER D 158 -4.74 -0.95 -24.76
C SER D 158 -4.06 0.38 -25.07
N GLY D 159 -3.61 0.54 -26.33
CA GLY D 159 -3.34 1.85 -26.90
C GLY D 159 -4.55 2.79 -26.82
N THR D 160 -4.37 4.06 -27.20
CA THR D 160 -5.46 5.00 -27.42
C THR D 160 -6.66 4.26 -28.02
N VAL D 161 -6.40 3.61 -29.16
CA VAL D 161 -7.40 2.92 -29.94
C VAL D 161 -7.68 1.58 -29.28
N VAL D 162 -8.94 1.40 -28.80
CA VAL D 162 -9.44 0.22 -28.08
C VAL D 162 -10.58 -0.46 -28.86
N THR D 163 -10.26 -1.45 -29.69
CA THR D 163 -11.26 -2.21 -30.44
C THR D 163 -11.80 -3.33 -29.56
N ILE D 164 -13.12 -3.39 -29.30
CA ILE D 164 -13.70 -4.50 -28.54
C ILE D 164 -14.72 -5.27 -29.37
N THR D 165 -14.99 -6.50 -28.92
CA THR D 165 -15.77 -7.47 -29.66
C THR D 165 -16.93 -7.94 -28.78
N ILE D 166 -18.16 -7.87 -29.31
CA ILE D 166 -19.33 -8.15 -28.49
C ILE D 166 -20.28 -9.15 -29.15
N MET D 167 -21.15 -9.68 -28.28
CA MET D 167 -22.12 -10.69 -28.63
C MET D 167 -23.39 -10.38 -27.84
N PRO D 168 -24.59 -10.37 -28.48
CA PRO D 168 -25.86 -10.24 -27.75
C PRO D 168 -26.11 -11.22 -26.61
N ALA D 169 -26.60 -10.73 -25.48
CA ALA D 169 -26.60 -11.51 -24.26
C ALA D 169 -27.24 -12.87 -24.47
N PHE D 170 -28.43 -12.89 -25.09
N PHE D 170 -28.41 -12.92 -25.11
CA PHE D 170 -29.26 -14.07 -25.24
CA PHE D 170 -29.22 -14.13 -25.15
C PHE D 170 -28.50 -15.20 -25.95
C PHE D 170 -28.58 -15.20 -26.02
N ILE D 171 -27.67 -14.83 -26.93
CA ILE D 171 -26.93 -15.80 -27.70
C ILE D 171 -25.70 -16.23 -26.92
N PHE D 172 -25.11 -15.29 -26.17
CA PHE D 172 -23.94 -15.57 -25.34
C PHE D 172 -24.29 -16.63 -24.33
N GLU D 173 -25.43 -16.43 -23.64
CA GLU D 173 -25.93 -17.33 -22.62
C GLU D 173 -26.31 -18.68 -23.20
N HIS D 174 -26.52 -18.75 -24.52
CA HIS D 174 -26.87 -20.00 -25.16
C HIS D 174 -25.59 -20.77 -25.48
N ILE D 175 -24.53 -20.06 -25.92
CA ILE D 175 -23.33 -20.71 -26.40
C ILE D 175 -22.55 -21.28 -25.22
N ILE D 176 -22.54 -20.55 -24.11
CA ILE D 176 -21.79 -20.98 -22.94
C ILE D 176 -22.49 -22.14 -22.22
N LYS D 177 -23.75 -22.42 -22.54
CA LYS D 177 -24.49 -23.42 -21.76
C LYS D 177 -23.89 -24.82 -21.94
N ARG D 178 -24.03 -25.66 -20.90
CA ARG D 178 -23.38 -26.96 -20.84
C ARG D 178 -21.85 -26.80 -20.88
N MET D 179 -21.32 -25.94 -19.99
CA MET D 179 -19.88 -25.74 -19.83
C MET D 179 -19.64 -25.27 -18.40
N ALA D 180 -18.91 -26.08 -17.64
CA ALA D 180 -18.65 -25.84 -16.23
C ALA D 180 -17.76 -24.61 -16.09
N PRO D 181 -18.21 -23.59 -15.33
CA PRO D 181 -17.46 -22.33 -15.16
C PRO D 181 -15.94 -22.48 -15.11
N SER D 182 -15.53 -23.55 -14.40
CA SER D 182 -14.15 -23.88 -14.10
C SER D 182 -13.33 -24.14 -15.36
N ILE D 183 -13.97 -24.71 -16.38
CA ILE D 183 -13.27 -25.09 -17.60
C ILE D 183 -13.00 -23.82 -18.42
N MET D 184 -14.06 -23.01 -18.61
CA MET D 184 -13.97 -21.70 -19.22
C MET D 184 -12.75 -20.96 -18.69
N LYS D 185 -12.66 -20.90 -17.35
CA LYS D 185 -11.63 -20.21 -16.61
C LYS D 185 -10.26 -20.88 -16.76
N SER D 186 -10.23 -22.21 -16.87
CA SER D 186 -8.95 -22.92 -16.86
C SER D 186 -8.39 -23.10 -18.28
N LEU D 187 -9.23 -23.39 -19.28
CA LEU D 187 -8.69 -23.90 -20.53
C LEU D 187 -8.64 -22.81 -21.61
N MET D 188 -9.44 -21.72 -21.46
CA MET D 188 -9.72 -20.83 -22.58
C MET D 188 -8.49 -19.97 -22.91
N ASP D 189 -8.05 -20.04 -24.18
CA ASP D 189 -6.99 -19.24 -24.82
C ASP D 189 -7.22 -17.73 -24.65
N HIS D 190 -6.23 -17.05 -24.01
CA HIS D 190 -6.18 -15.59 -23.82
C HIS D 190 -4.90 -15.04 -24.44
N THR D 191 -4.19 -15.85 -25.25
CA THR D 191 -2.91 -15.47 -25.82
C THR D 191 -3.05 -14.29 -26.76
N ILE D 192 -2.02 -13.43 -26.78
CA ILE D 192 -1.90 -12.43 -27.83
C ILE D 192 -0.58 -12.68 -28.57
N PRO D 193 -0.43 -12.14 -29.80
CA PRO D 193 0.75 -12.43 -30.62
C PRO D 193 2.02 -11.74 -30.10
N GLU D 194 1.87 -10.59 -29.42
CA GLU D 194 3.03 -9.92 -28.84
C GLU D 194 2.58 -8.93 -27.77
N VAL D 195 3.56 -8.45 -27.00
CA VAL D 195 3.34 -7.31 -26.13
C VAL D 195 4.19 -6.12 -26.60
C13 YDX E . 2.95 13.14 23.22
C01 YDX E . 2.47 3.65 19.19
N02 YDX E . 2.68 4.96 19.83
C03 YDX E . 3.84 5.55 20.10
C04 YDX E . 3.58 6.77 20.69
C05 YDX E . 2.20 6.90 20.79
N06 YDX E . 1.39 7.99 21.31
C07 YDX E . 1.96 9.25 21.75
O08 YDX E . 3.12 9.51 21.73
C09 YDX E . 1.01 10.30 22.27
N10 YDX E . 1.73 11.57 22.36
C11 YDX E . 1.73 12.49 21.43
C12 YDX E . 2.51 13.50 21.94
N14 YDX E . 2.48 11.93 23.47
N15 YDX E . 1.67 5.79 20.25
C1 EDO F . -4.01 8.94 5.45
O1 EDO F . -3.26 8.08 4.59
C2 EDO F . -3.51 8.94 6.85
O2 EDO F . -2.28 9.61 7.00
C1 EDO G . 17.57 -29.58 30.78
O1 EDO G . 17.05 -28.74 29.80
C2 EDO G . 17.46 -29.00 32.14
O2 EDO G . 18.29 -27.85 32.25
C1 EDO H . 15.78 -23.36 8.74
O1 EDO H . 15.39 -24.44 7.92
C2 EDO H . 17.23 -22.98 8.64
O2 EDO H . 18.16 -23.86 9.31
N DGL I . 11.76 -18.96 34.38
CA DGL I . 11.05 -19.54 33.20
C DGL I . 11.48 -18.76 31.94
O DGL I . 11.83 -17.56 32.12
CB DGL I . 11.33 -21.04 33.08
CG DGL I . 12.81 -21.37 32.93
CD DGL I . 13.18 -22.85 32.93
OE1 DGL I . 12.26 -23.71 33.03
OE2 DGL I . 14.38 -23.12 32.82
OXT DGL I . 11.48 -19.38 30.84
C1 EDO J . -10.43 31.32 -6.53
O1 EDO J . -9.13 30.77 -6.52
C2 EDO J . -11.31 30.66 -7.53
O2 EDO J . -10.63 29.61 -8.23
C1 EDO K . -10.93 15.17 9.67
O1 EDO K . -11.36 16.50 9.40
C2 EDO K . -10.79 14.93 11.12
O2 EDO K . -11.00 16.08 11.91
C1 EDO L . -1.99 18.57 6.50
O1 EDO L . -1.28 18.57 5.24
C2 EDO L . -2.63 19.85 6.96
O2 EDO L . -2.38 20.23 8.32
N GLY M . -21.29 18.95 14.32
CA GLY M . -20.98 20.37 14.57
C GLY M . -21.43 21.27 13.42
O GLY M . -21.96 22.36 13.73
OXT GLY M . -21.22 20.86 12.24
C1 EDO N . -6.94 -15.35 -29.74
O1 EDO N . -7.81 -14.35 -30.26
C2 EDO N . -7.24 -15.74 -28.32
O2 EDO N . -7.17 -14.67 -27.40
C1 EDO O . -31.52 -18.55 -29.97
O1 EDO O . -31.30 -19.83 -30.50
C2 EDO O . -30.40 -18.06 -29.13
O2 EDO O . -29.16 -18.27 -29.72
C1 EDO P . -3.30 -16.28 -32.27
O1 EDO P . -2.44 -16.59 -33.36
C2 EDO P . -3.48 -17.46 -31.37
O2 EDO P . -2.35 -18.32 -31.36
S SO4 Q . -14.28 8.71 -30.71
O1 SO4 Q . -15.33 9.46 -31.36
O2 SO4 Q . -14.57 8.63 -29.31
O3 SO4 Q . -14.22 7.38 -31.28
O4 SO4 Q . -13.02 9.38 -30.91
S SO4 R . -16.80 -10.14 -11.73
O1 SO4 R . -16.85 -8.72 -11.50
O2 SO4 R . -17.35 -10.83 -10.59
O3 SO4 R . -17.56 -10.48 -12.90
O4 SO4 R . -15.42 -10.55 -11.92
N ALA S . -16.35 2.81 -17.10
CA ALA S . -15.07 2.14 -17.46
C ALA S . -14.62 2.57 -18.87
O ALA S . -15.20 3.54 -19.41
CB ALA S . -15.25 0.64 -17.32
OXT ALA S . -13.69 1.92 -19.39
N DGL T . -29.44 -30.35 -27.85
CA DGL T . -28.47 -29.45 -27.16
C DGL T . -27.07 -29.67 -27.73
O DGL T . -26.14 -28.96 -27.23
CB DGL T . -28.90 -27.99 -27.28
CG DGL T . -29.15 -27.54 -28.71
CD DGL T . -29.46 -26.05 -28.90
OE1 DGL T . -29.46 -25.30 -27.89
OE2 DGL T . -29.69 -25.66 -30.07
OXT DGL T . -26.96 -30.53 -28.68
N GLY U . -30.56 -29.15 -33.86
CA GLY U . -29.79 -30.38 -34.15
C GLY U . -29.55 -31.16 -32.87
O GLY U . -29.37 -30.47 -31.83
OXT GLY U . -29.57 -32.41 -32.95
#